data_3L2K
#
_entry.id   3L2K
#
_cell.length_a   193.129
_cell.length_b   193.129
_cell.length_c   193.129
_cell.angle_alpha   90.00
_cell.angle_beta   90.00
_cell.angle_gamma   90.00
#
_symmetry.space_group_name_H-M   'I 2 3'
#
loop_
_entity.id
_entity.type
_entity.pdbx_description
1 polymer EhpF
2 non-polymer 'phenazine-1,6-dicarboxylic acid'
3 water water
#
_entity_poly.entity_id   1
_entity_poly.type   'polypeptide(L)'
_entity_poly.pdbx_seq_one_letter_code
;MKDYSLEIDAVMKAAQINDTNNFVQALMRWHFSKETGSPFWLGMREQLNFDPIKDVKTINDLRQFSDISHCLRQEPVANL
VPQGLPADSHPQVYESGGTTGAPKYVVAYDAWIEALISWRMSGYQHRPGRPSGNTLAAIPTGPHIVGAINKERALRLGGM
FFSIDIDPRWVKRSLSEGDTATVRKYTHHLVDQVQNTLMNQDIRFLVTTPPVLRELLKRPEVVLQMKQSLAQITLGGTEL
NLDEIKFIASEILPDCEFSASYGSTSALGVSRSLLITSESQQVIYDSFSPFITYDVVDSITAQTVEYGERGNVIVTHLSP
WAFYPRVAERDTAIRLPGVSGFAGDRLADIEPLKISEGRKVIEGVY
;
_entity_poly.pdbx_strand_id   A,B
#
loop_
_chem_comp.id
_chem_comp.type
_chem_comp.name
_chem_comp.formula
PXC non-polymer 'phenazine-1,6-dicarboxylic acid' 'C14 H8 N2 O4'
#
# COMPACT_ATOMS: atom_id res chain seq x y z
N ASP A 3 20.04 2.11 23.51
CA ASP A 3 18.85 2.98 23.76
C ASP A 3 19.10 4.53 23.70
N TYR A 4 18.18 5.31 23.07
CA TYR A 4 18.19 6.82 23.02
C TYR A 4 16.88 7.50 23.13
N SER A 5 15.86 6.69 23.41
CA SER A 5 14.49 7.17 23.49
C SER A 5 14.27 8.36 24.46
N LEU A 6 15.09 8.52 25.48
CA LEU A 6 14.89 9.70 26.32
C LEU A 6 15.61 10.89 25.71
N GLU A 7 16.63 10.68 24.89
CA GLU A 7 17.10 11.84 24.12
C GLU A 7 15.96 12.33 23.24
N ILE A 8 15.48 11.41 22.38
CA ILE A 8 14.33 11.56 21.41
C ILE A 8 13.06 12.28 21.95
N ASP A 9 12.55 11.88 23.14
CA ASP A 9 11.44 12.59 23.83
C ASP A 9 11.73 14.06 23.94
N ALA A 10 12.96 14.40 24.38
CA ALA A 10 13.38 15.79 24.57
C ALA A 10 13.07 16.61 23.32
N VAL A 11 13.33 16.06 22.14
CA VAL A 11 13.03 16.74 20.86
C VAL A 11 11.55 17.02 20.59
N MET A 12 10.76 15.94 20.59
CA MET A 12 9.32 16.00 20.57
C MET A 12 8.79 16.91 21.63
N LYS A 13 9.37 16.90 22.84
CA LYS A 13 9.04 17.96 23.84
C LYS A 13 9.29 19.46 23.32
N ALA A 14 10.56 19.75 22.96
CA ALA A 14 10.97 21.03 22.39
C ALA A 14 10.06 21.42 21.21
N ALA A 15 9.74 20.42 20.41
CA ALA A 15 8.88 20.56 19.29
C ALA A 15 7.57 21.30 19.55
N GLN A 16 6.94 21.23 20.72
CA GLN A 16 5.74 22.10 20.87
C GLN A 16 5.67 23.30 21.79
N ILE A 17 6.36 23.25 22.91
CA ILE A 17 6.87 24.43 23.59
C ILE A 17 7.76 25.11 22.52
N ASN A 18 7.15 25.26 21.34
CA ASN A 18 7.36 26.39 20.47
C ASN A 18 8.73 27.12 20.71
N ASP A 19 9.78 26.48 20.22
CA ASP A 19 11.05 27.21 19.97
C ASP A 19 11.97 26.43 19.02
N THR A 20 11.58 26.60 17.73
CA THR A 20 12.52 26.70 16.67
C THR A 20 13.92 26.38 17.28
N ASN A 21 14.49 27.43 17.85
CA ASN A 21 15.84 27.46 18.35
C ASN A 21 16.44 26.18 18.93
N ASN A 22 15.91 25.82 20.08
CA ASN A 22 16.42 24.75 20.86
C ASN A 22 16.26 23.41 20.14
N PHE A 23 15.07 23.26 19.54
CA PHE A 23 14.73 22.12 18.68
C PHE A 23 15.73 21.98 17.52
N VAL A 24 15.92 23.05 16.75
CA VAL A 24 16.92 23.03 15.68
C VAL A 24 18.29 22.52 16.22
N GLN A 25 18.76 23.13 17.31
CA GLN A 25 20.09 22.73 17.78
C GLN A 25 20.12 21.27 18.26
N ALA A 26 19.31 20.91 19.23
CA ALA A 26 19.07 19.50 19.55
C ALA A 26 19.13 18.49 18.37
N LEU A 27 18.53 18.81 17.23
CA LEU A 27 18.48 17.87 16.10
C LEU A 27 19.68 17.98 15.14
N MET A 28 20.17 19.21 15.00
CA MET A 28 21.42 19.37 14.38
C MET A 28 22.44 18.46 15.02
N ARG A 29 22.31 18.25 16.34
CA ARG A 29 23.21 17.39 17.17
C ARG A 29 22.88 15.97 16.92
N TRP A 30 21.57 15.68 16.79
CA TRP A 30 21.05 14.32 16.63
C TRP A 30 21.58 13.85 15.31
N HIS A 31 21.49 14.69 14.30
CA HIS A 31 21.87 14.22 13.02
C HIS A 31 23.35 14.12 12.73
N PHE A 32 24.15 14.99 13.34
CA PHE A 32 25.53 15.03 12.90
C PHE A 32 26.48 14.42 13.88
N SER A 33 26.04 14.32 15.11
CA SER A 33 26.83 13.68 16.13
C SER A 33 26.94 12.11 16.04
N LYS A 34 28.04 11.70 15.38
CA LYS A 34 28.80 10.39 15.49
C LYS A 34 28.01 9.13 15.96
N GLU A 35 27.74 9.04 17.25
CA GLU A 35 26.85 8.01 17.83
C GLU A 35 25.55 7.83 17.01
N THR A 36 24.66 8.83 17.13
CA THR A 36 23.25 8.77 16.65
C THR A 36 22.87 9.03 15.16
N GLY A 37 23.54 10.00 14.51
CA GLY A 37 23.27 10.35 13.10
C GLY A 37 23.09 9.21 12.10
N SER A 38 22.29 9.53 11.10
CA SER A 38 22.32 8.95 9.75
C SER A 38 23.77 8.76 9.35
N PRO A 39 24.12 7.55 8.85
CA PRO A 39 25.34 7.43 7.98
C PRO A 39 25.39 8.47 6.85
N PHE A 40 24.26 8.76 6.22
CA PHE A 40 24.29 9.61 5.08
C PHE A 40 24.75 10.98 5.48
N TRP A 41 24.13 11.60 6.50
CA TRP A 41 24.55 12.96 6.90
C TRP A 41 25.91 12.98 7.53
N LEU A 42 26.21 11.98 8.36
CA LEU A 42 27.55 11.85 8.97
C LEU A 42 28.61 11.91 7.86
N GLY A 43 28.36 11.17 6.77
CA GLY A 43 29.19 11.16 5.54
C GLY A 43 29.13 12.47 4.77
N MET A 44 28.07 13.21 4.97
CA MET A 44 27.99 14.48 4.33
C MET A 44 28.67 15.64 5.10
N ARG A 45 28.88 15.52 6.44
CA ARG A 45 29.37 16.67 7.30
C ARG A 45 30.64 17.25 6.74
N GLU A 46 31.59 16.38 6.38
CA GLU A 46 32.85 16.89 5.81
C GLU A 46 32.74 17.63 4.46
N GLN A 47 31.56 17.65 3.82
CA GLN A 47 31.40 18.35 2.53
C GLN A 47 30.84 19.72 2.64
N LEU A 48 30.30 20.02 3.83
CA LEU A 48 29.74 21.35 4.21
C LEU A 48 30.76 22.39 4.53
N ASN A 49 30.55 23.62 4.07
CA ASN A 49 31.40 24.73 4.48
C ASN A 49 30.83 25.53 5.65
N PHE A 50 30.34 24.85 6.67
CA PHE A 50 30.00 25.45 7.99
C PHE A 50 29.75 24.36 9.03
N ASP A 51 30.01 24.64 10.30
CA ASP A 51 29.87 23.62 11.33
C ASP A 51 28.42 23.59 11.89
N PRO A 52 27.70 22.48 11.56
CA PRO A 52 26.28 22.36 11.74
C PRO A 52 25.96 22.54 13.19
N ILE A 53 26.99 22.51 14.04
CA ILE A 53 26.73 22.76 15.45
C ILE A 53 26.93 24.23 15.86
N LYS A 54 28.07 24.80 15.48
CA LYS A 54 28.48 26.08 16.05
C LYS A 54 27.77 27.24 15.39
N ASP A 55 27.78 27.28 14.05
CA ASP A 55 27.08 28.36 13.32
C ASP A 55 25.89 27.73 12.65
N VAL A 56 24.77 27.67 13.40
CA VAL A 56 23.44 27.15 13.00
C VAL A 56 22.55 27.13 14.27
N LYS A 57 21.80 28.21 14.47
CA LYS A 57 20.98 28.39 15.67
C LYS A 57 19.43 28.49 15.45
N THR A 58 18.97 29.32 14.49
CA THR A 58 17.53 29.54 14.17
C THR A 58 17.07 28.54 13.09
N ILE A 59 15.77 28.39 12.91
CA ILE A 59 15.22 27.60 11.77
C ILE A 59 15.72 28.14 10.44
N ASN A 60 15.86 29.45 10.50
CA ASN A 60 16.11 30.28 9.37
C ASN A 60 17.54 30.09 8.98
N ASP A 61 18.35 29.86 10.03
CA ASP A 61 19.77 29.52 9.96
C ASP A 61 20.11 28.27 9.15
N LEU A 62 19.11 27.37 8.94
CA LEU A 62 19.23 26.25 7.97
C LEU A 62 19.21 26.71 6.53
N ARG A 63 19.00 27.99 6.26
CA ARG A 63 19.11 28.48 4.91
C ARG A 63 20.37 28.04 4.20
N GLN A 64 21.42 27.66 4.95
CA GLN A 64 22.78 27.33 4.41
C GLN A 64 23.07 25.91 3.96
N PHE A 65 22.11 25.01 4.02
CA PHE A 65 22.30 23.69 3.43
C PHE A 65 21.72 23.83 2.06
N SER A 66 22.21 23.18 1.00
CA SER A 66 21.36 23.17 -0.23
C SER A 66 20.60 21.87 -0.32
N ASP A 67 19.61 21.87 -1.21
CA ASP A 67 18.69 20.76 -1.42
C ASP A 67 19.57 19.55 -1.92
N ILE A 68 19.60 18.46 -1.15
CA ILE A 68 20.37 17.31 -1.57
C ILE A 68 19.54 16.23 -2.28
N SER A 69 18.60 16.60 -3.15
CA SER A 69 17.82 15.52 -3.76
C SER A 69 18.59 14.77 -4.85
N HIS A 70 19.43 15.46 -5.63
CA HIS A 70 20.25 14.85 -6.63
C HIS A 70 20.68 13.46 -6.13
N CYS A 71 21.01 13.42 -4.85
CA CYS A 71 21.71 12.32 -4.17
C CYS A 71 20.95 11.04 -3.92
N LEU A 72 19.69 11.31 -3.59
CA LEU A 72 18.81 10.36 -3.09
C LEU A 72 18.42 9.45 -4.21
N ARG A 73 18.90 9.68 -5.43
CA ARG A 73 18.53 8.76 -6.47
C ARG A 73 19.44 7.59 -6.35
N GLN A 74 20.70 7.88 -6.01
CA GLN A 74 21.76 6.88 -5.89
C GLN A 74 22.01 6.34 -4.48
N GLU A 75 21.71 7.14 -3.46
CA GLU A 75 22.20 6.83 -2.12
C GLU A 75 21.45 5.62 -1.62
N PRO A 76 22.18 4.51 -1.26
CA PRO A 76 21.50 3.25 -0.84
C PRO A 76 20.73 3.50 0.48
N VAL A 77 19.42 3.25 0.44
CA VAL A 77 18.52 3.74 1.49
C VAL A 77 19.00 3.40 2.88
N ALA A 78 19.61 2.23 3.07
CA ALA A 78 20.01 1.86 4.42
C ALA A 78 20.73 3.04 5.16
N ASN A 79 21.54 3.84 4.44
CA ASN A 79 22.27 4.98 5.05
C ASN A 79 21.42 6.18 5.45
N LEU A 80 20.10 6.15 5.28
CA LEU A 80 19.40 7.38 5.49
C LEU A 80 18.90 7.35 6.89
N VAL A 81 19.10 6.18 7.51
CA VAL A 81 18.40 5.75 8.74
C VAL A 81 19.31 6.17 9.92
N PRO A 82 18.82 7.18 10.76
CA PRO A 82 19.50 7.64 11.97
C PRO A 82 19.76 6.48 12.86
N GLN A 83 21.06 6.22 13.03
CA GLN A 83 21.63 5.18 13.91
C GLN A 83 21.06 5.16 15.35
N GLY A 84 20.46 6.25 15.83
CA GLY A 84 19.91 6.29 17.21
C GLY A 84 18.42 6.03 17.40
N LEU A 85 17.75 5.60 16.32
CA LEU A 85 16.39 5.09 16.36
C LEU A 85 16.33 3.66 16.87
N PRO A 86 15.26 3.30 17.59
CA PRO A 86 15.23 1.96 18.12
C PRO A 86 15.34 0.91 17.05
N ALA A 87 15.76 -0.28 17.52
CA ALA A 87 15.71 -1.52 16.77
C ALA A 87 14.35 -1.62 16.02
N ASP A 88 13.24 -1.57 16.75
CA ASP A 88 11.89 -1.71 16.12
C ASP A 88 11.27 -0.45 15.50
N SER A 89 12.11 0.47 15.02
CA SER A 89 11.61 1.74 14.46
C SER A 89 10.63 1.49 13.25
N HIS A 90 10.97 0.48 12.43
CA HIS A 90 10.10 -0.06 11.36
C HIS A 90 10.15 0.78 10.14
N PRO A 91 11.31 0.79 9.45
CA PRO A 91 11.67 1.71 8.32
C PRO A 91 10.84 1.42 7.09
N GLN A 92 10.69 2.38 6.19
CA GLN A 92 10.02 2.14 4.90
C GLN A 92 10.36 3.10 3.80
N VAL A 93 10.56 2.49 2.63
CA VAL A 93 10.93 3.24 1.43
C VAL A 93 9.75 3.81 0.72
N TYR A 94 9.87 5.06 0.33
CA TYR A 94 8.89 5.77 -0.47
C TYR A 94 9.67 6.46 -1.56
N GLU A 95 9.05 6.60 -2.72
CA GLU A 95 9.71 7.20 -3.88
C GLU A 95 9.06 8.54 -4.14
N SER A 96 9.68 9.40 -4.93
CA SER A 96 9.18 10.75 -5.27
C SER A 96 9.10 10.89 -6.77
N GLY A 97 7.88 10.59 -7.31
CA GLY A 97 7.45 10.60 -8.73
C GLY A 97 8.60 10.62 -9.76
N GLY A 98 9.02 9.40 -10.17
CA GLY A 98 9.98 9.12 -11.28
C GLY A 98 9.35 9.30 -12.66
N THR A 99 8.25 10.05 -12.62
CA THR A 99 7.69 10.82 -13.72
C THR A 99 8.82 11.80 -14.18
N THR A 100 9.16 11.73 -15.48
CA THR A 100 10.58 11.70 -16.00
C THR A 100 11.65 12.64 -15.35
N GLY A 101 12.89 12.12 -15.33
CA GLY A 101 13.87 12.30 -14.23
C GLY A 101 13.37 11.35 -13.11
N ALA A 102 13.88 10.10 -13.08
CA ALA A 102 13.19 8.91 -12.46
C ALA A 102 14.00 8.06 -11.39
N PRO A 103 13.52 7.84 -10.10
CA PRO A 103 12.73 8.35 -8.96
C PRO A 103 13.57 8.54 -7.69
N LYS A 104 13.20 9.40 -6.73
CA LYS A 104 14.15 9.66 -5.58
C LYS A 104 13.80 8.86 -4.31
N TYR A 105 14.71 8.01 -3.79
CA TYR A 105 14.36 7.09 -2.64
C TYR A 105 14.46 7.76 -1.21
N VAL A 106 13.45 7.52 -0.35
CA VAL A 106 13.46 8.00 1.06
C VAL A 106 12.84 7.00 2.05
N VAL A 107 13.08 7.26 3.32
CA VAL A 107 12.67 6.37 4.32
C VAL A 107 11.75 7.06 5.33
N ALA A 108 10.59 6.46 5.63
CA ALA A 108 9.81 6.90 6.82
C ALA A 108 9.36 5.81 7.78
N TYR A 109 8.87 6.27 8.93
CA TYR A 109 8.67 5.39 10.08
C TYR A 109 7.28 5.54 10.61
N ASP A 110 6.74 4.46 11.13
CA ASP A 110 5.46 4.59 11.79
C ASP A 110 5.36 5.77 12.83
N ALA A 111 6.36 5.98 13.69
CA ALA A 111 6.23 7.00 14.73
C ALA A 111 5.94 8.29 14.00
N TRP A 112 6.78 8.53 12.96
CA TRP A 112 6.72 9.74 12.11
C TRP A 112 5.30 9.99 11.53
N ILE A 113 4.80 9.05 10.75
CA ILE A 113 3.47 9.18 10.21
C ILE A 113 2.36 9.34 11.28
N GLU A 114 2.32 8.43 12.26
CA GLU A 114 1.51 8.71 13.49
C GLU A 114 1.61 10.19 13.95
N ALA A 115 2.82 10.71 14.21
CA ALA A 115 2.92 12.09 14.62
C ALA A 115 2.37 13.07 13.54
N LEU A 116 2.68 12.87 12.27
CA LEU A 116 2.12 13.76 11.33
C LEU A 116 0.57 13.81 11.50
N ILE A 117 0.01 12.63 11.66
CA ILE A 117 -1.44 12.52 11.53
C ILE A 117 -2.05 13.08 12.80
N SER A 118 -1.37 12.96 13.92
CA SER A 118 -2.08 13.39 15.12
C SER A 118 -2.22 14.86 15.02
N TRP A 119 -1.24 15.45 14.35
CA TRP A 119 -1.22 16.88 14.15
C TRP A 119 -2.31 17.25 13.15
N ARG A 120 -2.37 16.57 12.01
CA ARG A 120 -3.41 16.95 11.05
C ARG A 120 -4.79 16.95 11.71
N MET A 121 -5.00 15.93 12.53
CA MET A 121 -6.36 15.60 12.94
C MET A 121 -6.67 16.21 14.26
N SER A 122 -5.65 16.64 15.00
CA SER A 122 -6.07 17.43 16.18
C SER A 122 -6.90 18.61 15.63
N GLY A 123 -7.68 19.15 16.49
CA GLY A 123 -8.58 20.10 15.87
C GLY A 123 -9.89 19.45 15.59
N TYR A 124 -9.98 18.20 15.14
CA TYR A 124 -11.31 17.52 15.04
C TYR A 124 -11.23 16.10 15.55
N GLN A 125 -10.01 15.59 15.85
CA GLN A 125 -9.99 14.21 16.33
C GLN A 125 -11.03 13.99 17.42
N HIS A 126 -11.23 14.94 18.34
CA HIS A 126 -11.91 14.60 19.55
C HIS A 126 -13.10 15.46 19.75
N ARG A 127 -13.47 16.14 18.66
CA ARG A 127 -14.53 17.13 18.65
C ARG A 127 -15.86 16.45 18.78
N PRO A 128 -16.69 16.90 19.73
CA PRO A 128 -17.90 16.07 19.94
C PRO A 128 -18.76 15.97 18.63
N GLY A 129 -19.45 14.82 18.44
CA GLY A 129 -20.25 14.54 17.20
C GLY A 129 -19.47 14.68 15.86
N ARG A 130 -18.15 14.78 15.88
CA ARG A 130 -17.39 14.51 14.70
C ARG A 130 -17.94 13.25 14.03
N PRO A 131 -17.94 13.25 12.73
CA PRO A 131 -18.49 12.15 11.94
C PRO A 131 -17.68 10.84 11.98
N SER A 132 -18.27 9.70 11.62
CA SER A 132 -17.42 8.51 11.45
C SER A 132 -17.68 7.62 10.24
N GLY A 133 -16.74 6.75 9.91
CA GLY A 133 -16.97 5.92 8.73
C GLY A 133 -15.70 5.59 8.00
N ASN A 134 -15.85 4.80 6.95
CA ASN A 134 -14.75 4.47 6.04
C ASN A 134 -14.34 5.61 5.24
N THR A 135 -13.16 5.46 4.62
CA THR A 135 -12.55 6.44 3.76
C THR A 135 -12.16 5.74 2.51
N LEU A 136 -12.57 6.35 1.39
CA LEU A 136 -12.17 5.98 0.07
C LEU A 136 -11.07 6.91 -0.32
N ALA A 137 -9.83 6.43 -0.50
CA ALA A 137 -8.79 7.35 -0.94
C ALA A 137 -8.39 7.09 -2.35
N ALA A 138 -8.78 7.98 -3.25
CA ALA A 138 -8.49 7.72 -4.62
C ALA A 138 -7.12 8.23 -4.94
N ILE A 139 -6.14 7.78 -4.24
CA ILE A 139 -4.83 8.35 -4.44
C ILE A 139 -3.80 7.24 -4.64
N PRO A 140 -2.60 7.56 -5.11
CA PRO A 140 -1.54 6.56 -5.24
C PRO A 140 -1.25 5.88 -3.93
N THR A 141 -1.08 4.60 -3.93
CA THR A 141 -0.42 4.00 -2.75
C THR A 141 0.97 3.49 -3.22
N GLY A 142 1.20 2.18 -3.31
CA GLY A 142 2.49 1.69 -3.77
C GLY A 142 3.67 2.43 -3.14
N PRO A 143 4.67 2.87 -3.94
CA PRO A 143 5.80 3.53 -3.30
C PRO A 143 5.55 4.94 -2.80
N HIS A 144 4.33 5.49 -2.98
CA HIS A 144 4.00 6.85 -2.61
C HIS A 144 3.47 7.07 -1.24
N ILE A 145 4.23 7.89 -0.54
CA ILE A 145 4.05 8.10 0.86
C ILE A 145 2.65 8.71 1.17
N VAL A 146 1.95 9.25 0.18
CA VAL A 146 0.57 9.66 0.53
C VAL A 146 -0.29 8.47 0.92
N GLY A 147 -0.21 7.41 0.13
CA GLY A 147 -0.82 6.18 0.50
C GLY A 147 -0.81 6.05 2.02
N ALA A 148 0.38 6.07 2.60
CA ALA A 148 0.58 5.48 3.91
C ALA A 148 0.09 6.47 4.93
N ILE A 149 0.27 7.78 4.62
CA ILE A 149 -0.32 8.87 5.38
C ILE A 149 -1.86 8.86 5.36
N ASN A 150 -2.43 8.50 4.22
CA ASN A 150 -3.90 8.42 4.24
C ASN A 150 -4.55 7.26 4.94
N LYS A 151 -3.92 6.07 4.84
CA LYS A 151 -4.35 4.90 5.61
C LYS A 151 -4.36 5.26 7.09
N GLU A 152 -3.33 6.02 7.50
CA GLU A 152 -3.23 6.29 8.91
C GLU A 152 -4.39 7.16 9.38
N ARG A 153 -4.72 8.20 8.64
CA ARG A 153 -5.87 9.02 9.01
C ARG A 153 -7.10 8.09 9.07
N ALA A 154 -7.23 7.17 8.10
CA ALA A 154 -8.50 6.55 7.91
C ALA A 154 -8.85 5.71 9.10
N LEU A 155 -7.88 5.07 9.72
CA LEU A 155 -8.14 4.32 10.94
C LEU A 155 -8.56 5.15 12.13
N ARG A 156 -8.09 6.36 12.19
CA ARG A 156 -8.50 7.11 13.32
C ARG A 156 -9.94 7.66 13.15
N LEU A 157 -10.56 7.50 11.97
CA LEU A 157 -11.91 8.06 11.80
C LEU A 157 -12.98 6.96 11.87
N GLY A 158 -12.57 5.76 12.28
CA GLY A 158 -13.54 4.73 12.56
C GLY A 158 -14.18 4.06 11.35
N GLY A 159 -13.38 3.50 10.47
CA GLY A 159 -13.93 2.65 9.41
C GLY A 159 -12.70 2.12 8.78
N MET A 160 -12.79 1.62 7.58
CA MET A 160 -11.64 1.04 6.97
C MET A 160 -11.18 1.92 5.83
N PHE A 161 -9.94 1.74 5.43
CA PHE A 161 -9.32 2.60 4.43
C PHE A 161 -9.53 1.88 3.11
N PHE A 162 -10.07 2.54 2.09
CA PHE A 162 -10.35 1.85 0.82
C PHE A 162 -9.59 2.58 -0.25
N SER A 163 -9.12 1.93 -1.30
CA SER A 163 -8.42 2.76 -2.35
C SER A 163 -8.66 2.28 -3.74
N ILE A 164 -7.96 2.82 -4.71
CA ILE A 164 -8.23 2.37 -6.04
C ILE A 164 -6.96 2.07 -6.69
N ASP A 165 -7.03 1.56 -7.90
CA ASP A 165 -5.83 1.35 -8.63
C ASP A 165 -5.50 2.54 -9.42
N ILE A 166 -4.37 3.14 -9.10
CA ILE A 166 -4.04 4.38 -9.76
C ILE A 166 -2.55 4.52 -9.90
N ASP A 167 -2.11 4.83 -11.11
CA ASP A 167 -0.71 4.88 -11.49
C ASP A 167 -0.39 6.29 -11.96
N PRO A 168 -0.03 7.19 -11.01
CA PRO A 168 0.00 8.59 -11.36
C PRO A 168 1.10 8.79 -12.35
N ARG A 169 2.02 7.83 -12.44
CA ARG A 169 3.24 7.96 -13.24
C ARG A 169 2.93 7.68 -14.68
N TRP A 170 1.85 7.02 -14.92
CA TRP A 170 1.56 6.87 -16.27
C TRP A 170 0.73 8.04 -16.68
N VAL A 171 -0.18 8.48 -15.82
CA VAL A 171 -0.98 9.65 -16.15
C VAL A 171 -0.11 10.78 -16.66
N LYS A 172 0.96 11.01 -15.90
CA LYS A 172 1.90 12.10 -16.12
C LYS A 172 2.67 11.91 -17.39
N ARG A 173 3.42 10.81 -17.46
CA ARG A 173 4.35 10.56 -18.58
C ARG A 173 3.51 10.55 -19.84
N SER A 174 2.18 10.71 -19.72
CA SER A 174 1.32 10.66 -20.90
C SER A 174 0.65 11.98 -21.24
N LEU A 175 0.34 12.81 -20.23
CA LEU A 175 -0.10 14.19 -20.55
C LEU A 175 1.07 15.10 -20.92
N SER A 176 2.16 15.02 -20.15
CA SER A 176 3.44 15.52 -20.64
C SER A 176 3.73 14.94 -22.04
N GLU A 177 3.71 13.60 -22.24
CA GLU A 177 3.98 12.99 -23.57
C GLU A 177 2.98 13.43 -24.65
N GLY A 178 2.03 14.31 -24.27
CA GLY A 178 1.03 14.87 -25.17
C GLY A 178 -0.22 14.04 -25.43
N ASP A 179 -0.34 12.87 -24.78
CA ASP A 179 -1.37 11.88 -25.17
C ASP A 179 -2.81 12.12 -24.68
N THR A 180 -3.64 12.62 -25.60
CA THR A 180 -4.99 13.04 -25.29
C THR A 180 -5.91 11.92 -24.80
N ALA A 181 -6.19 10.96 -25.71
CA ALA A 181 -7.20 9.90 -25.53
C ALA A 181 -6.95 9.07 -24.27
N THR A 182 -5.66 8.86 -24.00
CA THR A 182 -5.25 8.04 -22.90
C THR A 182 -5.71 8.74 -21.64
N VAL A 183 -5.29 9.98 -21.46
CA VAL A 183 -5.69 10.70 -20.23
C VAL A 183 -7.24 10.56 -20.00
N ARG A 184 -8.06 10.65 -21.05
CA ARG A 184 -9.49 10.57 -20.86
C ARG A 184 -9.92 9.18 -20.46
N LYS A 185 -9.35 8.18 -21.13
CA LYS A 185 -9.72 6.78 -20.91
C LYS A 185 -9.26 6.36 -19.51
N TYR A 186 -8.03 6.68 -19.14
CA TYR A 186 -7.60 6.36 -17.82
C TYR A 186 -8.35 7.21 -16.77
N THR A 187 -8.69 8.46 -17.07
CA THR A 187 -9.40 9.22 -16.06
C THR A 187 -10.71 8.50 -15.78
N HIS A 188 -11.32 8.00 -16.84
CA HIS A 188 -12.59 7.22 -16.86
C HIS A 188 -12.59 6.09 -15.88
N HIS A 189 -11.54 5.35 -16.08
CA HIS A 189 -11.34 4.15 -15.37
C HIS A 189 -11.07 4.57 -13.92
N LEU A 190 -10.61 5.78 -13.70
CA LEU A 190 -10.49 6.11 -12.32
C LEU A 190 -11.83 6.41 -11.72
N VAL A 191 -12.67 7.13 -12.47
CA VAL A 191 -13.92 7.55 -11.89
C VAL A 191 -14.74 6.29 -11.69
N ASP A 192 -14.58 5.31 -12.57
CA ASP A 192 -15.39 4.09 -12.48
C ASP A 192 -15.15 3.29 -11.20
N GLN A 193 -13.88 3.12 -10.86
CA GLN A 193 -13.40 2.61 -9.61
C GLN A 193 -13.99 3.42 -8.47
N VAL A 194 -13.75 4.73 -8.39
CA VAL A 194 -14.36 5.47 -7.28
C VAL A 194 -15.92 5.26 -7.30
N GLN A 195 -16.57 5.31 -8.49
CA GLN A 195 -18.01 5.12 -8.46
C GLN A 195 -18.47 3.81 -7.78
N ASN A 196 -17.75 2.73 -8.05
CA ASN A 196 -18.12 1.45 -7.56
C ASN A 196 -18.06 1.39 -6.08
N THR A 197 -16.95 1.83 -5.47
CA THR A 197 -16.84 1.77 -4.08
C THR A 197 -17.91 2.72 -3.43
N LEU A 198 -18.11 3.94 -3.95
CA LEU A 198 -19.13 4.82 -3.31
C LEU A 198 -20.50 4.18 -3.43
N MET A 199 -20.69 3.35 -4.43
CA MET A 199 -22.04 2.90 -4.66
C MET A 199 -22.24 1.55 -4.05
N ASN A 200 -21.21 0.88 -3.57
CA ASN A 200 -21.43 -0.38 -2.90
C ASN A 200 -21.02 -0.47 -1.41
N GLN A 201 -20.17 0.41 -0.90
CA GLN A 201 -19.96 0.38 0.52
C GLN A 201 -20.30 1.79 0.93
N ASP A 202 -20.84 1.99 2.16
CA ASP A 202 -21.10 3.29 2.73
C ASP A 202 -19.83 3.99 2.90
N ILE A 203 -19.56 5.08 2.12
CA ILE A 203 -18.28 5.84 2.25
C ILE A 203 -18.51 7.20 2.90
N ARG A 204 -17.91 7.47 4.04
CA ARG A 204 -18.16 8.69 4.73
C ARG A 204 -17.16 9.77 4.35
N PHE A 205 -16.03 9.38 3.77
CA PHE A 205 -14.85 10.28 3.58
C PHE A 205 -14.16 10.03 2.23
N LEU A 206 -14.01 11.06 1.41
CA LEU A 206 -13.46 10.82 0.09
C LEU A 206 -12.19 11.64 -0.08
N VAL A 207 -11.09 11.03 -0.49
CA VAL A 207 -9.92 11.87 -0.83
C VAL A 207 -9.81 11.71 -2.33
N THR A 208 -9.84 12.81 -3.06
CA THR A 208 -9.76 12.78 -4.49
C THR A 208 -9.24 14.14 -5.01
N THR A 209 -9.53 14.51 -6.26
CA THR A 209 -8.91 15.66 -6.91
C THR A 209 -9.99 16.32 -7.81
N PRO A 210 -9.84 17.63 -8.08
CA PRO A 210 -10.91 18.33 -8.81
C PRO A 210 -11.41 17.60 -10.10
N PRO A 211 -10.51 17.16 -10.99
CA PRO A 211 -10.98 16.51 -12.21
C PRO A 211 -11.84 15.28 -11.94
N VAL A 212 -11.34 14.48 -11.02
CA VAL A 212 -12.05 13.27 -10.66
C VAL A 212 -13.38 13.65 -9.93
N LEU A 213 -13.37 14.61 -8.98
CA LEU A 213 -14.63 14.94 -8.32
C LEU A 213 -15.60 15.38 -9.38
N ARG A 214 -15.03 16.09 -10.34
CA ARG A 214 -15.74 16.89 -11.29
C ARG A 214 -16.44 15.91 -12.15
N GLU A 215 -15.71 14.92 -12.57
CA GLU A 215 -16.31 13.78 -13.20
C GLU A 215 -17.46 13.09 -12.44
N LEU A 216 -17.26 12.72 -11.17
CA LEU A 216 -18.31 12.05 -10.40
C LEU A 216 -19.52 12.97 -10.33
N LEU A 217 -19.30 14.28 -10.16
CA LEU A 217 -20.52 15.10 -10.03
C LEU A 217 -21.39 15.08 -11.26
N LYS A 218 -20.89 14.50 -12.34
CA LYS A 218 -21.66 14.50 -13.58
C LYS A 218 -22.47 13.18 -13.69
N ARG A 219 -22.60 12.41 -12.61
CA ARG A 219 -23.17 11.11 -12.75
C ARG A 219 -24.29 11.08 -11.80
N PRO A 220 -25.52 11.30 -12.31
CA PRO A 220 -26.70 11.45 -11.51
C PRO A 220 -26.73 10.51 -10.33
N GLU A 221 -26.58 9.18 -10.52
CA GLU A 221 -26.70 8.21 -9.38
C GLU A 221 -25.66 8.44 -8.32
N VAL A 222 -24.43 8.74 -8.71
CA VAL A 222 -23.36 9.01 -7.78
C VAL A 222 -23.66 10.25 -6.99
N VAL A 223 -24.12 11.32 -7.63
CA VAL A 223 -24.36 12.55 -6.87
C VAL A 223 -25.27 12.28 -5.72
N LEU A 224 -26.42 11.69 -6.02
CA LEU A 224 -27.41 11.30 -5.04
C LEU A 224 -26.77 10.56 -3.96
N GLN A 225 -25.95 9.60 -4.33
CA GLN A 225 -25.30 8.82 -3.28
C GLN A 225 -24.37 9.71 -2.43
N MET A 226 -23.51 10.50 -3.09
CA MET A 226 -22.75 11.46 -2.34
C MET A 226 -23.61 12.38 -1.39
N LYS A 227 -24.77 12.83 -1.87
CA LYS A 227 -25.58 13.65 -1.00
C LYS A 227 -25.88 12.90 0.29
N GLN A 228 -25.95 11.55 0.24
CA GLN A 228 -26.39 10.68 1.35
C GLN A 228 -25.32 10.34 2.32
N SER A 229 -24.09 10.19 1.86
CA SER A 229 -23.01 9.63 2.66
C SER A 229 -21.73 10.45 2.87
N LEU A 230 -21.30 11.30 1.97
CA LEU A 230 -20.09 12.04 2.27
C LEU A 230 -20.20 13.12 3.35
N ALA A 231 -19.54 12.88 4.51
CA ALA A 231 -19.32 13.97 5.51
C ALA A 231 -18.12 14.99 5.23
N GLN A 232 -17.17 14.60 4.40
CA GLN A 232 -16.01 15.46 4.24
C GLN A 232 -15.18 14.94 3.12
N ILE A 233 -14.83 15.83 2.20
CA ILE A 233 -13.95 15.52 1.07
C ILE A 233 -12.64 16.33 1.09
N THR A 234 -11.54 15.67 0.75
CA THR A 234 -10.23 16.36 0.71
C THR A 234 -9.80 16.44 -0.76
N LEU A 235 -9.53 17.65 -1.24
CA LEU A 235 -9.06 17.80 -2.57
C LEU A 235 -7.53 17.97 -2.57
N GLY A 236 -6.85 17.21 -3.42
CA GLY A 236 -5.35 17.18 -3.50
C GLY A 236 -5.00 17.65 -4.89
N GLY A 237 -3.76 18.00 -5.15
CA GLY A 237 -3.41 18.80 -6.37
C GLY A 237 -3.31 20.32 -6.10
N THR A 238 -3.32 21.12 -7.17
CA THR A 238 -3.07 22.61 -7.14
C THR A 238 -3.84 23.27 -8.35
N GLU A 239 -4.92 22.60 -8.70
CA GLU A 239 -5.67 22.72 -9.91
C GLU A 239 -7.07 23.08 -9.35
N LEU A 240 -7.02 23.78 -8.22
CA LEU A 240 -8.18 24.01 -7.40
C LEU A 240 -8.83 25.33 -7.72
N ASN A 241 -10.10 25.31 -8.10
CA ASN A 241 -10.85 26.56 -8.26
C ASN A 241 -11.81 26.77 -7.11
N LEU A 242 -11.56 27.88 -6.42
CA LEU A 242 -12.23 28.11 -5.19
C LEU A 242 -13.75 28.27 -5.37
N ASP A 243 -14.19 29.03 -6.38
CA ASP A 243 -15.64 29.21 -6.65
C ASP A 243 -16.36 27.94 -6.86
N GLU A 244 -15.79 27.04 -7.67
CA GLU A 244 -16.39 25.76 -8.06
C GLU A 244 -16.64 25.05 -6.79
N ILE A 245 -15.59 24.99 -5.98
CA ILE A 245 -15.77 24.32 -4.77
C ILE A 245 -16.89 25.03 -3.96
N LYS A 246 -16.97 26.37 -3.94
CA LYS A 246 -18.01 27.01 -3.10
C LYS A 246 -19.33 26.50 -3.60
N PHE A 247 -19.45 26.38 -4.92
CA PHE A 247 -20.72 26.05 -5.48
C PHE A 247 -21.14 24.60 -5.11
N ILE A 248 -20.29 23.62 -5.35
CA ILE A 248 -20.48 22.32 -4.78
C ILE A 248 -20.92 22.36 -3.29
N ALA A 249 -20.23 23.14 -2.48
CA ALA A 249 -20.33 22.98 -1.00
C ALA A 249 -21.63 23.46 -0.57
N SER A 250 -22.17 24.44 -1.28
CA SER A 250 -23.39 25.06 -0.83
C SER A 250 -24.58 24.58 -1.57
N GLU A 251 -24.40 24.19 -2.83
CA GLU A 251 -25.53 23.91 -3.71
C GLU A 251 -25.69 22.45 -4.05
N ILE A 252 -24.77 21.59 -3.67
CA ILE A 252 -24.92 20.23 -4.15
C ILE A 252 -24.68 19.22 -3.06
N LEU A 253 -23.55 19.36 -2.37
CA LEU A 253 -23.25 18.51 -1.24
C LEU A 253 -23.26 19.40 -0.06
N PRO A 254 -24.41 19.94 0.24
CA PRO A 254 -24.44 20.95 1.29
C PRO A 254 -24.21 20.36 2.66
N ASP A 255 -24.07 19.03 2.79
CA ASP A 255 -23.81 18.49 4.14
C ASP A 255 -22.48 17.88 4.27
N CYS A 256 -21.58 18.30 3.42
CA CYS A 256 -20.33 17.70 3.32
C CYS A 256 -19.26 18.80 3.53
N GLU A 257 -18.28 18.62 4.43
CA GLU A 257 -17.32 19.72 4.51
C GLU A 257 -16.24 19.48 3.49
N PHE A 258 -15.40 20.49 3.21
CA PHE A 258 -14.28 20.41 2.26
C PHE A 258 -12.86 20.90 2.73
N SER A 259 -11.81 20.26 2.25
CA SER A 259 -10.55 20.83 2.47
C SER A 259 -9.67 20.34 1.45
N ALA A 260 -8.47 20.88 1.51
CA ALA A 260 -7.47 20.57 0.56
C ALA A 260 -6.20 20.04 1.20
N SER A 261 -5.44 19.30 0.43
CA SER A 261 -4.26 18.72 0.96
C SER A 261 -3.24 19.12 0.02
N TYR A 262 -2.02 19.37 0.51
CA TYR A 262 -0.85 19.70 -0.33
C TYR A 262 0.38 18.82 -0.15
N GLY A 263 0.76 18.02 -1.13
CA GLY A 263 1.86 17.08 -0.99
C GLY A 263 3.24 17.77 -0.87
N SER A 264 4.03 17.35 0.09
CA SER A 264 5.39 17.78 0.14
C SER A 264 6.22 16.53 0.40
N THR A 265 6.16 15.63 -0.59
CA THR A 265 6.83 14.30 -0.52
C THR A 265 8.25 14.41 -0.06
N SER A 266 8.92 15.38 -0.60
CA SER A 266 10.20 15.76 -0.16
C SER A 266 10.38 15.82 1.40
N ALA A 267 9.38 16.35 2.15
CA ALA A 267 9.51 16.42 3.61
C ALA A 267 8.66 15.39 4.36
N LEU A 268 8.23 14.35 3.62
CA LEU A 268 7.77 13.11 4.20
C LEU A 268 6.45 13.40 4.83
N GLY A 269 5.69 14.30 4.17
CA GLY A 269 4.38 14.68 4.62
C GLY A 269 3.50 15.49 3.67
N VAL A 270 2.33 15.91 4.21
CA VAL A 270 1.30 16.69 3.50
C VAL A 270 0.80 17.87 4.34
N SER A 271 0.46 19.00 3.73
CA SER A 271 0.06 20.12 4.58
C SER A 271 -1.44 20.33 4.57
N ARG A 272 -2.06 20.87 5.62
CA ARG A 272 -3.51 20.92 5.47
C ARG A 272 -4.14 22.25 5.48
N SER A 273 -5.26 22.32 4.73
CA SER A 273 -6.00 23.58 4.57
C SER A 273 -6.95 23.86 5.76
N LEU A 274 -7.40 25.08 5.89
CA LEU A 274 -8.60 25.28 6.70
C LEU A 274 -9.89 24.75 5.96
N LEU A 275 -11.01 24.63 6.69
CA LEU A 275 -12.24 24.21 6.03
C LEU A 275 -12.52 25.26 4.91
N ILE A 276 -12.62 24.84 3.66
CA ILE A 276 -12.99 25.77 2.60
C ILE A 276 -14.53 25.85 2.52
N THR A 277 -15.06 27.00 2.85
CA THR A 277 -16.52 27.18 2.85
C THR A 277 -16.93 28.29 1.85
N SER A 278 -18.21 28.59 1.82
CA SER A 278 -18.69 29.52 0.81
C SER A 278 -18.17 30.93 1.18
N GLU A 279 -17.60 31.05 2.36
CA GLU A 279 -17.34 32.38 2.89
C GLU A 279 -15.80 32.57 2.91
N SER A 280 -15.15 31.53 2.43
CA SER A 280 -13.75 31.43 2.33
C SER A 280 -13.25 32.34 1.21
N GLN A 281 -12.11 33.04 1.42
CA GLN A 281 -11.68 33.77 0.23
C GLN A 281 -10.30 33.38 -0.40
N GLN A 282 -9.61 32.41 0.16
CA GLN A 282 -8.50 31.82 -0.51
C GLN A 282 -8.39 30.48 0.17
N VAL A 283 -7.63 29.55 -0.41
CA VAL A 283 -7.42 28.31 0.27
C VAL A 283 -6.18 28.50 1.07
N ILE A 284 -6.21 28.15 2.33
CA ILE A 284 -5.07 28.49 3.17
C ILE A 284 -4.42 27.20 3.75
N TYR A 285 -3.09 27.08 3.74
CA TYR A 285 -2.48 25.84 4.25
C TYR A 285 -1.58 26.00 5.43
N ASP A 286 -1.59 25.02 6.30
CA ASP A 286 -0.58 24.96 7.38
C ASP A 286 0.27 23.72 7.31
N SER A 287 1.53 23.83 7.75
CA SER A 287 2.44 22.66 7.82
C SER A 287 2.70 22.14 9.27
N PHE A 288 3.21 20.93 9.46
CA PHE A 288 3.38 20.42 10.80
C PHE A 288 4.70 20.96 11.30
N SER A 289 4.61 22.14 11.86
CA SER A 289 5.78 22.94 12.24
C SER A 289 6.23 22.47 13.58
N PRO A 290 7.56 22.42 13.86
CA PRO A 290 8.78 22.71 13.02
C PRO A 290 9.32 21.51 12.19
N PHE A 291 8.77 20.33 12.42
CA PHE A 291 9.15 19.18 11.61
C PHE A 291 9.17 19.54 10.16
N ILE A 292 8.05 20.08 9.71
CA ILE A 292 7.97 20.58 8.39
C ILE A 292 7.63 22.03 8.45
N THR A 293 8.38 22.80 7.65
CA THR A 293 8.35 24.27 7.53
C THR A 293 8.56 24.76 6.08
N TYR A 294 7.81 25.81 5.74
CA TYR A 294 7.87 26.40 4.40
C TYR A 294 8.59 27.71 4.48
N ASP A 295 9.41 27.99 3.46
CA ASP A 295 9.82 29.32 3.18
C ASP A 295 9.23 29.57 1.82
N VAL A 296 9.08 30.86 1.47
CA VAL A 296 8.53 31.30 0.19
C VAL A 296 9.41 32.38 -0.35
N VAL A 297 9.99 32.15 -1.52
CA VAL A 297 11.19 32.96 -1.86
C VAL A 297 11.11 33.42 -3.29
N ASP A 298 11.81 34.52 -3.57
CA ASP A 298 11.80 35.16 -4.87
C ASP A 298 12.54 34.25 -5.88
N SER A 299 12.04 34.07 -7.12
CA SER A 299 12.57 33.10 -8.11
C SER A 299 13.89 33.57 -8.70
N ILE A 300 14.09 34.87 -8.55
CA ILE A 300 15.26 35.53 -9.00
C ILE A 300 16.33 35.44 -7.91
N THR A 301 16.04 35.84 -6.66
CA THR A 301 17.10 36.16 -5.63
C THR A 301 17.16 35.27 -4.40
N ALA A 302 16.49 34.12 -4.49
CA ALA A 302 16.33 33.16 -3.40
C ALA A 302 15.77 33.79 -2.12
N GLN A 303 15.19 35.00 -2.20
CA GLN A 303 14.94 35.71 -0.93
C GLN A 303 13.53 35.58 -0.37
N THR A 304 13.40 35.12 0.88
CA THR A 304 12.04 35.08 1.48
C THR A 304 11.25 36.35 1.11
N VAL A 305 10.11 36.25 0.45
CA VAL A 305 9.36 37.45 0.00
C VAL A 305 8.46 38.01 1.12
N GLU A 306 7.80 39.17 0.94
CA GLU A 306 6.99 39.76 2.03
C GLU A 306 5.68 39.03 2.22
N TYR A 307 5.11 39.17 3.42
CA TYR A 307 3.81 38.65 3.59
C TYR A 307 2.96 39.29 2.52
N GLY A 308 1.93 38.57 2.12
CA GLY A 308 1.05 39.00 1.04
C GLY A 308 1.54 38.79 -0.38
N GLU A 309 2.80 38.44 -0.62
CA GLU A 309 3.23 38.23 -2.03
C GLU A 309 3.53 36.78 -2.57
N ARG A 310 3.55 36.60 -3.89
CA ARG A 310 3.70 35.26 -4.45
C ARG A 310 5.19 34.88 -4.54
N GLY A 311 5.52 33.63 -4.28
CA GLY A 311 6.93 33.24 -4.34
C GLY A 311 6.99 31.75 -4.45
N ASN A 312 8.21 31.24 -4.34
CA ASN A 312 8.42 29.83 -4.66
C ASN A 312 8.48 29.07 -3.39
N VAL A 313 7.77 27.95 -3.34
CA VAL A 313 7.76 27.16 -2.15
C VAL A 313 9.07 26.40 -1.94
N ILE A 314 9.64 26.67 -0.78
CA ILE A 314 10.74 25.95 -0.29
C ILE A 314 10.40 25.19 0.99
N VAL A 315 10.58 23.91 0.96
CA VAL A 315 10.22 23.16 2.13
C VAL A 315 11.36 22.42 2.80
N THR A 316 11.27 22.34 4.13
CA THR A 316 12.28 21.72 4.95
C THR A 316 11.74 20.77 6.03
N HIS A 317 12.14 19.49 5.93
CA HIS A 317 11.89 18.48 7.00
C HIS A 317 13.06 18.31 7.95
N LEU A 318 12.79 18.48 9.25
CA LEU A 318 13.81 18.30 10.29
C LEU A 318 13.08 17.65 11.44
N SER A 319 13.32 16.35 11.61
CA SER A 319 12.69 15.48 12.63
C SER A 319 13.79 14.51 13.07
N PRO A 320 13.56 13.74 14.16
CA PRO A 320 14.49 12.70 14.55
C PRO A 320 14.69 11.56 13.45
N TRP A 321 13.71 11.44 12.53
CA TRP A 321 13.75 10.39 11.53
C TRP A 321 14.57 10.73 10.26
N ALA A 322 14.73 12.03 10.00
CA ALA A 322 15.16 12.41 8.68
C ALA A 322 15.48 13.90 8.62
N PHE A 323 16.45 14.22 7.80
CA PHE A 323 16.71 15.62 7.66
C PHE A 323 16.70 15.93 6.21
N TYR A 324 15.86 16.84 5.77
CA TYR A 324 15.92 17.27 4.36
C TYR A 324 15.84 18.75 4.25
N PRO A 325 16.98 19.42 4.12
CA PRO A 325 16.82 20.86 4.13
C PRO A 325 16.52 21.36 2.74
N ARG A 326 15.58 22.29 2.73
CA ARG A 326 15.61 23.35 1.75
C ARG A 326 15.35 22.84 0.36
N VAL A 327 14.40 21.95 0.27
CA VAL A 327 13.88 21.53 -1.02
C VAL A 327 12.99 22.57 -1.77
N ALA A 328 13.52 22.99 -2.92
CA ALA A 328 12.65 23.69 -3.85
C ALA A 328 11.49 22.76 -4.17
N GLU A 329 10.25 23.09 -3.78
CA GLU A 329 9.08 22.47 -4.48
C GLU A 329 8.74 23.26 -5.74
N ARG A 330 7.96 22.63 -6.62
CA ARG A 330 7.70 23.12 -7.98
C ARG A 330 6.44 23.93 -8.08
N ASP A 331 6.14 24.67 -6.99
CA ASP A 331 4.94 25.59 -6.88
C ASP A 331 5.19 26.93 -6.29
N THR A 332 4.32 27.87 -6.66
CA THR A 332 4.31 29.21 -6.08
C THR A 332 3.14 29.33 -5.08
N ALA A 333 3.25 30.21 -4.09
CA ALA A 333 2.17 30.45 -3.10
C ALA A 333 2.24 31.82 -2.49
N ILE A 334 1.12 32.28 -1.93
CA ILE A 334 1.07 33.58 -1.30
C ILE A 334 1.67 33.39 0.11
N ARG A 335 2.60 34.23 0.51
CA ARG A 335 3.23 34.05 1.83
C ARG A 335 2.41 34.61 2.98
N LEU A 336 2.21 33.85 4.00
CA LEU A 336 1.40 34.37 5.04
C LEU A 336 2.02 33.99 6.36
N PRO A 337 1.86 34.89 7.37
CA PRO A 337 2.43 34.63 8.72
C PRO A 337 1.91 33.28 9.23
N GLY A 338 2.76 32.47 9.82
CA GLY A 338 2.27 31.14 10.07
C GLY A 338 1.76 30.99 11.46
N VAL A 339 0.45 30.80 11.66
CA VAL A 339 -0.04 30.86 13.07
C VAL A 339 0.36 29.57 13.75
N SER A 340 1.06 29.81 14.90
CA SER A 340 2.23 29.10 15.55
C SER A 340 3.26 28.12 14.82
N GLY A 341 4.56 28.30 15.04
CA GLY A 341 5.02 29.24 16.02
C GLY A 341 4.88 30.75 15.75
N PHE A 342 6.03 31.47 15.69
CA PHE A 342 7.35 30.83 15.99
C PHE A 342 8.10 30.01 14.85
N ALA A 343 7.45 29.28 13.92
CA ALA A 343 8.22 28.87 12.71
C ALA A 343 7.53 28.34 11.46
N GLY A 344 8.03 28.81 10.32
CA GLY A 344 7.59 28.41 8.98
C GLY A 344 6.47 29.31 8.52
N ASP A 345 6.10 29.28 7.23
CA ASP A 345 4.98 30.12 6.74
C ASP A 345 3.72 29.36 6.52
N ARG A 346 2.57 30.09 6.55
CA ARG A 346 1.29 29.66 5.91
C ARG A 346 1.43 29.71 4.46
N LEU A 347 0.67 28.89 3.73
CA LEU A 347 0.53 29.16 2.26
C LEU A 347 -0.91 29.51 1.93
N ALA A 348 -1.08 30.18 0.81
CA ALA A 348 -2.40 30.34 0.25
C ALA A 348 -2.34 30.25 -1.27
N ASP A 349 -3.39 29.73 -1.89
CA ASP A 349 -3.51 29.61 -3.29
C ASP A 349 -2.21 29.13 -3.95
N ILE A 350 -1.80 27.90 -3.59
CA ILE A 350 -0.77 27.17 -4.39
C ILE A 350 -1.09 27.07 -5.87
N GLU A 351 -0.08 27.28 -6.66
CA GLU A 351 -0.18 27.25 -8.08
C GLU A 351 1.13 26.64 -8.60
N PRO A 352 1.06 25.90 -9.73
CA PRO A 352 2.16 25.18 -10.37
C PRO A 352 3.30 26.08 -10.85
N LEU A 353 4.34 25.54 -11.52
CA LEU A 353 5.45 26.41 -11.97
C LEU A 353 5.47 26.96 -13.42
N LYS A 354 6.66 27.23 -14.00
CA LYS A 354 6.88 28.15 -15.18
C LYS A 354 5.59 28.59 -15.89
N ASP B 3 -13.01 -10.00 25.61
CA ASP B 3 -11.78 -10.99 25.33
C ASP B 3 -11.88 -12.60 25.21
N TYR B 4 -11.33 -13.20 24.11
CA TYR B 4 -11.40 -14.65 23.73
C TYR B 4 -10.09 -15.23 23.26
N SER B 5 -8.98 -14.84 23.92
CA SER B 5 -7.64 -15.45 23.60
C SER B 5 -7.68 -16.98 23.67
N LEU B 6 -8.39 -17.57 24.63
CA LEU B 6 -8.34 -19.02 24.69
C LEU B 6 -9.06 -19.72 23.53
N GLU B 7 -10.08 -19.07 22.98
CA GLU B 7 -10.73 -19.77 21.84
C GLU B 7 -9.77 -19.75 20.64
N ILE B 8 -9.26 -18.58 20.33
CA ILE B 8 -8.27 -18.57 19.28
C ILE B 8 -7.10 -19.57 19.48
N ASP B 9 -6.57 -19.64 20.68
CA ASP B 9 -5.40 -20.47 21.02
C ASP B 9 -5.69 -21.90 20.65
N ALA B 10 -6.84 -22.37 21.08
CA ALA B 10 -7.26 -23.70 20.70
C ALA B 10 -7.29 -23.98 19.15
N VAL B 11 -7.84 -23.04 18.39
CA VAL B 11 -7.92 -23.18 16.99
C VAL B 11 -6.52 -23.24 16.42
N MET B 12 -5.67 -22.27 16.76
CA MET B 12 -4.26 -22.35 16.39
C MET B 12 -3.58 -23.69 16.71
N LYS B 13 -3.78 -24.17 17.93
CA LYS B 13 -3.11 -25.39 18.37
C LYS B 13 -3.71 -26.58 17.65
N ALA B 14 -4.97 -26.50 17.26
CA ALA B 14 -5.47 -27.70 16.62
C ALA B 14 -4.93 -27.73 15.18
N ALA B 15 -4.68 -26.54 14.57
CA ALA B 15 -4.03 -26.43 13.26
C ALA B 15 -2.63 -27.00 13.42
N GLN B 16 -1.89 -26.50 14.41
CA GLN B 16 -0.42 -26.78 14.46
C GLN B 16 -0.10 -28.28 14.66
N ILE B 17 -1.12 -29.13 14.95
CA ILE B 17 -0.85 -30.56 15.17
C ILE B 17 -1.78 -31.30 14.27
N ASN B 18 -2.28 -30.59 13.28
CA ASN B 18 -3.21 -31.18 12.30
C ASN B 18 -4.41 -32.04 12.74
N ASP B 19 -5.13 -31.58 13.75
CA ASP B 19 -6.34 -32.24 14.17
C ASP B 19 -7.38 -31.57 13.37
N THR B 20 -7.49 -32.01 12.14
CA THR B 20 -8.32 -31.30 11.21
C THR B 20 -9.77 -31.25 11.70
N ASN B 21 -10.36 -32.33 12.17
CA ASN B 21 -11.72 -32.15 12.62
C ASN B 21 -11.89 -31.20 13.79
N ASN B 22 -10.95 -31.18 14.72
CA ASN B 22 -11.08 -30.23 15.83
C ASN B 22 -11.10 -28.84 15.24
N PHE B 23 -10.15 -28.57 14.37
CA PHE B 23 -10.00 -27.26 13.89
C PHE B 23 -11.31 -26.88 13.17
N VAL B 24 -11.82 -27.76 12.34
CA VAL B 24 -13.00 -27.36 11.64
C VAL B 24 -14.19 -27.19 12.58
N GLN B 25 -14.33 -28.12 13.50
CA GLN B 25 -15.47 -28.03 14.38
C GLN B 25 -15.40 -26.82 15.26
N ALA B 26 -14.26 -26.54 15.86
CA ALA B 26 -14.03 -25.30 16.57
C ALA B 26 -14.40 -24.01 15.81
N LEU B 27 -14.12 -24.01 14.49
CA LEU B 27 -14.29 -22.76 13.78
C LEU B 27 -15.73 -22.67 13.37
N MET B 28 -16.43 -23.80 13.25
CA MET B 28 -17.81 -23.65 12.95
C MET B 28 -18.44 -22.96 14.17
N ARG B 29 -18.01 -23.38 15.36
CA ARG B 29 -18.61 -22.79 16.57
C ARG B 29 -18.27 -21.30 16.61
N TRP B 30 -17.00 -21.03 16.35
CA TRP B 30 -16.50 -19.72 16.40
C TRP B 30 -17.19 -18.79 15.48
N HIS B 31 -17.40 -19.22 14.21
CA HIS B 31 -18.02 -18.39 13.14
C HIS B 31 -19.52 -18.29 13.21
N PHE B 32 -20.15 -19.25 13.90
CA PHE B 32 -21.61 -19.34 13.88
C PHE B 32 -22.33 -19.00 15.13
N SER B 33 -21.66 -18.32 16.03
CA SER B 33 -22.27 -18.26 17.29
C SER B 33 -22.35 -16.82 17.81
N LYS B 34 -23.48 -16.45 18.44
CA LYS B 34 -23.81 -15.05 18.65
C LYS B 34 -22.71 -14.24 19.23
N GLU B 35 -21.82 -14.79 20.01
CA GLU B 35 -20.89 -13.79 20.47
C GLU B 35 -19.60 -13.70 19.78
N THR B 36 -19.17 -14.74 19.03
CA THR B 36 -17.93 -14.56 18.37
C THR B 36 -17.95 -14.19 16.88
N GLY B 37 -19.00 -14.53 16.15
CA GLY B 37 -18.92 -14.60 14.67
C GLY B 37 -19.17 -13.29 13.96
N SER B 38 -18.94 -13.27 12.64
CA SER B 38 -19.08 -12.02 11.88
C SER B 38 -20.58 -11.87 11.76
N PRO B 39 -21.12 -10.66 11.99
CA PRO B 39 -22.48 -10.44 11.43
C PRO B 39 -22.77 -11.19 10.10
N PHE B 40 -21.83 -11.24 9.16
CA PHE B 40 -22.28 -11.76 7.87
C PHE B 40 -22.67 -13.23 7.97
N TRP B 41 -21.78 -14.02 8.54
CA TRP B 41 -22.11 -15.46 8.68
C TRP B 41 -23.30 -15.72 9.51
N LEU B 42 -23.50 -14.97 10.58
CA LEU B 42 -24.64 -15.11 11.50
C LEU B 42 -25.91 -14.96 10.79
N GLY B 43 -25.98 -13.93 9.99
CA GLY B 43 -27.10 -13.76 9.12
C GLY B 43 -27.17 -14.78 8.01
N MET B 44 -26.00 -15.21 7.51
CA MET B 44 -26.06 -15.93 6.32
C MET B 44 -26.67 -17.22 6.74
N ARG B 45 -26.67 -17.58 8.03
CA ARG B 45 -27.13 -18.90 8.46
C ARG B 45 -28.55 -19.13 8.03
N GLU B 46 -29.34 -18.06 7.92
CA GLU B 46 -30.74 -18.36 7.80
C GLU B 46 -31.06 -18.71 6.41
N GLN B 47 -30.03 -18.84 5.60
CA GLN B 47 -30.22 -19.27 4.24
C GLN B 47 -29.66 -20.66 4.00
N LEU B 48 -29.08 -21.26 5.03
CA LEU B 48 -28.50 -22.57 4.84
C LEU B 48 -29.54 -23.50 5.25
N ASN B 49 -29.36 -24.72 4.79
CA ASN B 49 -30.20 -25.85 5.23
C ASN B 49 -29.39 -27.07 5.96
N PHE B 50 -28.28 -26.75 6.60
CA PHE B 50 -27.63 -27.69 7.53
C PHE B 50 -27.14 -26.80 8.74
N ASP B 51 -26.66 -27.37 9.84
CA ASP B 51 -26.27 -26.54 10.97
C ASP B 51 -24.72 -26.60 11.14
N PRO B 52 -24.01 -25.52 10.79
CA PRO B 52 -22.57 -25.58 10.81
C PRO B 52 -22.05 -26.22 12.06
N ILE B 53 -22.70 -25.94 13.19
CA ILE B 53 -22.19 -26.45 14.43
C ILE B 53 -22.28 -27.96 14.59
N LYS B 54 -23.41 -28.56 14.17
CA LYS B 54 -23.70 -29.99 14.36
C LYS B 54 -23.51 -30.84 13.16
N ASP B 55 -23.57 -30.29 11.94
CA ASP B 55 -23.64 -31.18 10.73
C ASP B 55 -22.31 -31.12 9.96
N VAL B 56 -21.39 -30.36 10.53
CA VAL B 56 -20.11 -30.29 9.92
C VAL B 56 -19.04 -30.87 10.80
N LYS B 57 -18.45 -32.00 10.38
CA LYS B 57 -17.40 -32.61 11.15
C LYS B 57 -15.94 -32.58 10.63
N THR B 58 -15.75 -32.58 9.29
CA THR B 58 -14.41 -32.62 8.70
C THR B 58 -14.36 -31.60 7.58
N ILE B 59 -13.17 -31.25 7.08
CA ILE B 59 -12.99 -30.46 5.84
C ILE B 59 -13.88 -30.80 4.65
N ASN B 60 -14.02 -32.08 4.31
CA ASN B 60 -14.89 -32.41 3.22
C ASN B 60 -16.28 -31.95 3.52
N ASP B 61 -16.66 -32.04 4.78
CA ASP B 61 -17.99 -31.63 5.19
C ASP B 61 -18.41 -30.15 4.75
N LEU B 62 -17.41 -29.31 4.53
CA LEU B 62 -17.74 -28.00 4.04
C LEU B 62 -18.31 -28.04 2.62
N ARG B 63 -18.31 -29.19 1.92
CA ARG B 63 -18.89 -29.23 0.55
C ARG B 63 -20.37 -28.80 0.68
N GLN B 64 -20.84 -28.80 1.92
CA GLN B 64 -22.26 -28.45 2.16
C GLN B 64 -22.58 -26.96 1.92
N PHE B 65 -21.54 -26.15 2.00
CA PHE B 65 -21.56 -24.75 1.78
C PHE B 65 -21.43 -24.51 0.28
N SER B 66 -21.99 -23.37 -0.18
CA SER B 66 -21.75 -22.81 -1.52
C SER B 66 -20.92 -21.55 -1.43
N ASP B 67 -20.33 -21.20 -2.54
CA ASP B 67 -19.48 -20.08 -2.71
C ASP B 67 -20.34 -18.88 -2.46
N ILE B 68 -19.85 -17.98 -1.62
CA ILE B 68 -20.70 -16.87 -1.28
C ILE B 68 -20.12 -15.59 -1.74
N SER B 69 -19.01 -15.69 -2.46
CA SER B 69 -18.37 -14.60 -3.22
C SER B 69 -19.35 -13.69 -3.85
N HIS B 70 -19.92 -14.11 -4.94
CA HIS B 70 -20.56 -13.04 -5.77
C HIS B 70 -21.78 -12.72 -4.83
N CYS B 71 -21.71 -11.59 -4.08
CA CYS B 71 -22.24 -11.37 -2.69
C CYS B 71 -21.41 -10.47 -1.67
N LEU B 72 -20.09 -10.51 -1.81
CA LEU B 72 -19.17 -9.59 -1.13
C LEU B 72 -18.92 -8.27 -1.86
N ARG B 73 -19.67 -7.97 -2.90
CA ARG B 73 -19.54 -6.65 -3.52
C ARG B 73 -20.34 -5.73 -2.62
N GLN B 74 -21.61 -6.02 -2.38
CA GLN B 74 -22.37 -5.10 -1.54
C GLN B 74 -22.36 -5.36 -0.03
N GLU B 75 -22.01 -6.55 0.46
CA GLU B 75 -22.08 -6.74 1.90
C GLU B 75 -21.21 -5.68 2.72
N PRO B 76 -21.75 -5.06 3.78
CA PRO B 76 -20.81 -4.13 4.43
C PRO B 76 -19.56 -4.78 5.00
N VAL B 77 -18.42 -4.46 4.48
CA VAL B 77 -17.16 -4.80 5.09
C VAL B 77 -17.15 -4.96 6.62
N ALA B 78 -17.74 -4.04 7.38
CA ALA B 78 -17.65 -4.21 8.85
C ALA B 78 -18.27 -5.54 9.21
N ASN B 79 -19.31 -5.98 8.52
CA ASN B 79 -19.93 -7.29 8.85
C ASN B 79 -19.19 -8.57 8.61
N LEU B 80 -18.16 -8.51 7.74
CA LEU B 80 -17.15 -9.60 7.66
C LEU B 80 -16.31 -9.88 8.95
N VAL B 81 -16.34 -8.98 9.92
CA VAL B 81 -15.40 -9.07 11.03
C VAL B 81 -15.95 -9.89 12.15
N PRO B 82 -15.32 -11.03 12.47
CA PRO B 82 -15.77 -11.86 13.62
C PRO B 82 -15.64 -11.01 14.88
N GLN B 83 -16.66 -10.94 15.73
CA GLN B 83 -16.49 -10.18 16.95
C GLN B 83 -15.63 -10.83 17.87
N GLY B 84 -15.45 -12.12 17.76
CA GLY B 84 -14.51 -12.72 18.66
C GLY B 84 -13.07 -12.19 18.61
N LEU B 85 -12.70 -11.40 17.57
CA LEU B 85 -11.34 -10.89 17.48
C LEU B 85 -11.16 -9.75 18.42
N PRO B 86 -9.91 -9.47 18.77
CA PRO B 86 -9.68 -8.39 19.68
C PRO B 86 -9.86 -7.00 19.05
N ALA B 87 -10.21 -6.01 19.88
CA ALA B 87 -10.11 -4.57 19.61
C ALA B 87 -8.99 -4.22 18.64
N ASP B 88 -7.83 -4.76 18.92
CA ASP B 88 -6.64 -4.20 18.34
C ASP B 88 -6.28 -4.90 17.06
N SER B 89 -7.19 -5.65 16.46
CA SER B 89 -6.71 -6.58 15.46
C SER B 89 -6.42 -6.03 14.06
N HIS B 90 -6.76 -4.75 13.78
CA HIS B 90 -6.33 -4.06 12.53
C HIS B 90 -6.97 -4.57 11.24
N PRO B 91 -8.33 -4.54 11.17
CA PRO B 91 -8.89 -5.03 9.90
C PRO B 91 -8.42 -4.13 8.78
N GLN B 92 -7.93 -4.71 7.73
CA GLN B 92 -7.73 -3.93 6.59
C GLN B 92 -8.46 -4.57 5.39
N VAL B 93 -8.97 -3.69 4.51
CA VAL B 93 -9.82 -4.02 3.34
C VAL B 93 -9.10 -4.18 2.03
N TYR B 94 -9.29 -5.37 1.45
CA TYR B 94 -8.73 -5.80 0.17
C TYR B 94 -9.82 -6.33 -0.83
N GLU B 95 -9.55 -6.30 -2.11
CA GLU B 95 -10.56 -6.61 -3.11
C GLU B 95 -9.95 -7.55 -4.11
N SER B 96 -10.71 -8.16 -4.99
CA SER B 96 -10.15 -8.80 -6.14
C SER B 96 -11.30 -8.63 -6.97
N GLY B 97 -11.14 -8.97 -8.24
CA GLY B 97 -12.28 -9.02 -9.12
C GLY B 97 -12.67 -7.70 -9.82
N GLY B 98 -11.89 -6.59 -9.58
CA GLY B 98 -11.74 -5.57 -10.71
C GLY B 98 -11.69 -6.22 -12.14
N THR B 99 -11.46 -7.56 -12.23
CA THR B 99 -11.90 -8.43 -13.40
C THR B 99 -13.36 -7.97 -13.94
N THR B 100 -13.46 -7.63 -15.26
CA THR B 100 -14.54 -6.76 -15.91
C THR B 100 -14.87 -5.39 -15.34
N GLY B 101 -14.80 -5.27 -14.02
CA GLY B 101 -15.43 -4.20 -13.24
C GLY B 101 -16.33 -4.92 -12.23
N ALA B 102 -16.05 -4.74 -10.94
CA ALA B 102 -16.86 -5.42 -9.89
C ALA B 102 -16.89 -4.53 -8.68
N PRO B 103 -15.97 -4.71 -7.72
CA PRO B 103 -15.20 -5.83 -7.25
C PRO B 103 -15.69 -6.26 -5.86
N LYS B 104 -14.96 -7.15 -5.24
CA LYS B 104 -15.49 -7.91 -4.04
C LYS B 104 -14.71 -7.49 -2.83
N TYR B 105 -15.30 -6.89 -1.80
CA TYR B 105 -14.42 -6.41 -0.77
C TYR B 105 -14.23 -7.52 0.25
N VAL B 106 -13.03 -7.74 0.77
CA VAL B 106 -12.86 -8.65 1.96
C VAL B 106 -11.99 -8.01 3.01
N VAL B 107 -11.85 -8.71 4.12
CA VAL B 107 -11.11 -8.12 5.21
C VAL B 107 -9.92 -9.03 5.61
N ALA B 108 -8.77 -8.41 5.91
CA ALA B 108 -7.56 -9.16 6.37
C ALA B 108 -6.92 -8.52 7.59
N TYR B 109 -6.02 -9.19 8.29
CA TYR B 109 -5.66 -8.75 9.61
C TYR B 109 -4.15 -8.99 9.74
N ASP B 110 -3.44 -8.24 10.59
CA ASP B 110 -2.00 -8.40 10.56
C ASP B 110 -1.60 -9.83 10.92
N ALA B 111 -2.19 -10.26 12.04
CA ALA B 111 -1.97 -11.58 12.62
C ALA B 111 -2.20 -12.70 11.57
N TRP B 112 -3.11 -12.51 10.60
CA TRP B 112 -3.30 -13.58 9.61
C TRP B 112 -2.19 -13.53 8.60
N ILE B 113 -2.04 -12.34 8.07
CA ILE B 113 -0.98 -12.08 7.16
C ILE B 113 0.37 -12.62 7.71
N GLU B 114 0.67 -12.22 8.93
CA GLU B 114 1.76 -12.83 9.63
C GLU B 114 1.76 -14.34 9.71
N ALA B 115 0.65 -14.99 10.06
CA ALA B 115 0.75 -16.47 10.17
C ALA B 115 1.13 -17.05 8.80
N LEU B 116 0.66 -16.38 7.76
CA LEU B 116 0.70 -16.90 6.44
C LEU B 116 2.11 -16.90 5.96
N ILE B 117 2.72 -15.75 6.17
CA ILE B 117 4.02 -15.54 5.70
C ILE B 117 4.84 -16.51 6.48
N SER B 118 4.49 -16.80 7.72
CA SER B 118 5.43 -17.66 8.43
C SER B 118 5.44 -19.02 7.79
N TRP B 119 4.23 -19.51 7.46
CA TRP B 119 4.15 -20.73 6.70
C TRP B 119 4.85 -20.57 5.40
N ARG B 120 4.69 -19.47 4.67
CA ARG B 120 5.39 -19.49 3.39
C ARG B 120 6.93 -19.67 3.54
N MET B 121 7.49 -19.14 4.63
CA MET B 121 8.91 -18.85 4.73
C MET B 121 9.69 -19.89 5.53
N SER B 122 9.01 -20.78 6.26
CA SER B 122 9.76 -21.87 6.93
C SER B 122 10.43 -22.67 5.85
N GLY B 123 11.42 -23.43 6.25
CA GLY B 123 12.23 -24.07 5.19
C GLY B 123 13.38 -23.16 4.85
N TYR B 124 13.15 -21.84 4.77
CA TYR B 124 14.27 -20.97 4.47
C TYR B 124 14.73 -19.85 5.42
N GLN B 125 13.77 -19.10 5.92
CA GLN B 125 13.88 -18.24 7.07
C GLN B 125 15.09 -18.41 7.90
N HIS B 126 15.33 -19.62 8.31
CA HIS B 126 16.31 -19.75 9.28
C HIS B 126 17.56 -20.42 8.69
N ARG B 127 17.45 -21.31 7.69
CA ARG B 127 18.58 -22.20 7.23
C ARG B 127 19.95 -21.52 6.97
N PRO B 128 21.07 -22.19 7.29
CA PRO B 128 22.33 -21.43 7.31
C PRO B 128 22.72 -20.82 5.94
N GLY B 129 23.33 -19.63 5.95
CA GLY B 129 23.74 -18.98 4.71
C GLY B 129 22.67 -18.37 3.81
N ARG B 130 21.38 -18.59 4.12
CA ARG B 130 20.22 -17.93 3.45
C ARG B 130 20.59 -16.50 3.03
N PRO B 131 20.26 -16.12 1.76
CA PRO B 131 20.77 -14.90 1.18
C PRO B 131 20.07 -13.87 1.94
N SER B 132 20.32 -12.59 1.71
CA SER B 132 19.42 -11.62 2.32
C SER B 132 19.65 -10.15 1.96
N GLY B 133 18.59 -9.39 1.69
CA GLY B 133 18.70 -7.91 1.41
C GLY B 133 17.37 -7.29 1.05
N ASN B 134 17.41 -6.29 0.20
CA ASN B 134 16.20 -5.73 -0.31
C ASN B 134 15.23 -6.54 -1.17
N THR B 135 13.94 -6.31 -0.99
CA THR B 135 12.96 -6.80 -1.97
C THR B 135 12.38 -5.76 -2.94
N LEU B 136 12.42 -6.06 -4.25
CA LEU B 136 11.67 -5.33 -5.26
C LEU B 136 10.54 -6.17 -5.77
N ALA B 137 9.35 -5.68 -5.48
CA ALA B 137 8.13 -6.38 -5.83
C ALA B 137 7.30 -5.66 -6.92
N ALA B 138 7.66 -5.95 -8.17
CA ALA B 138 6.88 -5.56 -9.34
C ALA B 138 5.40 -5.93 -9.23
N ILE B 139 4.74 -5.82 -8.09
CA ILE B 139 3.31 -6.22 -8.07
C ILE B 139 2.38 -5.13 -7.57
N PRO B 140 1.07 -5.25 -7.77
CA PRO B 140 0.14 -4.16 -7.29
C PRO B 140 0.10 -4.06 -5.78
N THR B 141 -0.09 -2.85 -5.24
CA THR B 141 -0.47 -2.68 -3.83
C THR B 141 -1.90 -2.22 -3.84
N GLY B 142 -2.18 -0.99 -3.42
CA GLY B 142 -3.59 -0.49 -3.42
C GLY B 142 -4.58 -1.48 -2.81
N PRO B 143 -5.65 -1.82 -3.52
CA PRO B 143 -6.47 -2.68 -2.73
C PRO B 143 -6.11 -4.23 -2.86
N HIS B 144 -4.93 -4.60 -3.44
CA HIS B 144 -4.60 -6.00 -3.62
C HIS B 144 -3.83 -6.58 -2.51
N ILE B 145 -4.50 -7.44 -1.75
CA ILE B 145 -3.93 -8.17 -0.66
C ILE B 145 -2.56 -8.63 -1.05
N VAL B 146 -2.31 -8.92 -2.35
CA VAL B 146 -1.01 -9.47 -2.70
C VAL B 146 0.07 -8.55 -2.28
N GLY B 147 -0.12 -7.26 -2.55
CA GLY B 147 0.85 -6.27 -2.15
C GLY B 147 1.24 -6.49 -0.68
N ALA B 148 0.23 -6.40 0.21
CA ALA B 148 0.37 -6.48 1.64
C ALA B 148 1.19 -7.70 2.02
N ILE B 149 0.77 -8.85 1.48
CA ILE B 149 1.50 -10.06 1.62
C ILE B 149 3.02 -9.91 1.37
N ASN B 150 3.40 -9.51 0.19
CA ASN B 150 4.84 -9.46 -0.01
C ASN B 150 5.65 -8.54 0.90
N LYS B 151 5.05 -7.37 1.17
CA LYS B 151 5.53 -6.39 2.14
C LYS B 151 5.88 -7.13 3.40
N GLU B 152 5.00 -7.98 3.89
CA GLU B 152 5.36 -8.68 5.06
C GLU B 152 6.65 -9.46 4.85
N ARG B 153 6.60 -10.46 3.94
CA ARG B 153 7.80 -11.21 3.54
C ARG B 153 9.13 -10.40 3.45
N ALA B 154 9.11 -9.31 2.67
CA ALA B 154 10.27 -8.47 2.58
C ALA B 154 10.83 -8.05 3.97
N LEU B 155 9.98 -7.76 4.97
CA LEU B 155 10.52 -7.29 6.27
C LEU B 155 11.28 -8.44 7.02
N ARG B 156 11.00 -9.66 6.61
CA ARG B 156 11.64 -10.78 7.27
C ARG B 156 12.96 -11.23 6.60
N LEU B 157 13.38 -10.59 5.48
CA LEU B 157 14.58 -10.98 4.67
C LEU B 157 15.68 -9.96 4.85
N GLY B 158 15.57 -9.19 5.96
CA GLY B 158 16.45 -8.08 6.34
C GLY B 158 16.81 -7.11 5.21
N GLY B 159 15.86 -6.37 4.69
CA GLY B 159 16.09 -5.26 3.78
C GLY B 159 14.75 -4.59 3.68
N MET B 160 14.58 -3.60 2.82
CA MET B 160 13.25 -3.02 2.70
C MET B 160 12.51 -3.40 1.46
N PHE B 161 11.23 -2.98 1.49
CA PHE B 161 10.26 -3.26 0.45
C PHE B 161 10.13 -2.15 -0.59
N PHE B 162 10.62 -2.40 -1.80
CA PHE B 162 10.45 -1.54 -2.97
C PHE B 162 9.34 -2.07 -3.86
N SER B 163 8.53 -1.15 -4.38
CA SER B 163 7.61 -1.53 -5.45
C SER B 163 7.59 -0.45 -6.53
N ILE B 164 6.53 -0.53 -7.34
CA ILE B 164 6.32 0.29 -8.49
C ILE B 164 4.85 0.58 -8.63
N ASP B 165 4.50 1.72 -9.19
CA ASP B 165 3.15 1.86 -9.67
C ASP B 165 2.92 0.91 -10.80
N ILE B 166 1.69 0.43 -10.85
CA ILE B 166 1.29 -0.74 -11.68
C ILE B 166 -0.20 -0.96 -11.47
N ASP B 167 -0.99 -0.80 -12.53
CA ASP B 167 -2.43 -0.79 -12.34
C ASP B 167 -3.14 -1.88 -13.15
N PRO B 168 -3.30 -3.04 -12.52
CA PRO B 168 -3.58 -4.28 -13.20
C PRO B 168 -4.95 -4.26 -13.80
N ARG B 169 -5.80 -3.37 -13.33
CA ARG B 169 -7.09 -3.35 -13.98
C ARG B 169 -6.98 -2.70 -15.35
N TRP B 170 -6.16 -1.68 -15.45
CA TRP B 170 -5.86 -1.09 -16.71
C TRP B 170 -5.32 -2.16 -17.73
N VAL B 171 -4.27 -2.91 -17.36
CA VAL B 171 -3.69 -3.91 -18.23
C VAL B 171 -4.82 -4.82 -18.69
N LYS B 172 -5.53 -5.41 -17.70
CA LYS B 172 -6.68 -6.26 -17.96
C LYS B 172 -7.74 -5.69 -18.87
N ARG B 173 -8.19 -4.44 -18.68
CA ARG B 173 -9.36 -3.93 -19.44
C ARG B 173 -8.88 -3.85 -20.83
N SER B 174 -7.92 -2.95 -21.00
CA SER B 174 -7.15 -2.88 -22.23
C SER B 174 -6.98 -4.25 -22.89
N LEU B 175 -6.28 -5.17 -22.23
CA LEU B 175 -6.12 -6.53 -22.79
C LEU B 175 -7.41 -6.98 -23.46
N SER B 176 -8.52 -6.92 -22.73
CA SER B 176 -9.75 -7.53 -23.28
C SER B 176 -10.69 -6.57 -24.03
N GLU B 177 -10.26 -5.30 -24.11
CA GLU B 177 -10.72 -4.38 -25.16
C GLU B 177 -10.23 -4.82 -26.55
N GLY B 178 -8.99 -5.34 -26.61
CA GLY B 178 -8.24 -5.45 -27.86
C GLY B 178 -7.34 -4.26 -28.12
N ASP B 179 -7.30 -3.35 -27.15
CA ASP B 179 -6.49 -2.08 -27.10
C ASP B 179 -4.96 -2.26 -27.27
N THR B 180 -4.63 -3.37 -27.91
CA THR B 180 -3.32 -3.94 -28.09
C THR B 180 -2.15 -2.95 -28.19
N ALA B 181 -2.45 -1.78 -28.73
CA ALA B 181 -1.57 -0.60 -28.74
C ALA B 181 -0.82 -0.29 -27.39
N THR B 182 -1.53 -0.39 -26.29
CA THR B 182 -1.04 0.31 -25.15
C THR B 182 -0.82 -0.66 -24.05
N VAL B 183 -1.15 -1.92 -24.30
CA VAL B 183 -0.64 -2.96 -23.43
C VAL B 183 0.85 -2.86 -23.59
N ARG B 184 1.32 -2.74 -24.82
CA ARG B 184 2.72 -2.82 -24.97
C ARG B 184 3.40 -1.52 -24.48
N LYS B 185 2.72 -0.40 -24.67
CA LYS B 185 3.24 0.83 -24.11
C LYS B 185 3.41 0.68 -22.57
N TYR B 186 2.30 0.30 -21.93
CA TYR B 186 2.23 0.13 -20.50
C TYR B 186 3.32 -0.79 -19.87
N THR B 187 3.43 -2.00 -20.38
CA THR B 187 4.52 -2.91 -20.02
C THR B 187 5.94 -2.20 -20.07
N HIS B 188 6.26 -1.54 -21.18
CA HIS B 188 7.48 -0.75 -21.21
C HIS B 188 7.63 0.16 -19.91
N HIS B 189 6.55 0.84 -19.53
CA HIS B 189 6.49 1.65 -18.30
C HIS B 189 6.83 0.83 -17.06
N LEU B 190 6.20 -0.35 -16.92
CA LEU B 190 6.55 -1.22 -15.81
C LEU B 190 8.00 -1.64 -15.91
N VAL B 191 8.38 -2.19 -17.05
CA VAL B 191 9.76 -2.54 -17.17
C VAL B 191 10.67 -1.35 -16.76
N ASP B 192 10.37 -0.14 -17.21
CA ASP B 192 11.30 0.99 -16.93
C ASP B 192 11.54 1.25 -15.41
N GLN B 193 10.42 1.15 -14.69
CA GLN B 193 10.37 1.48 -13.31
C GLN B 193 11.16 0.43 -12.62
N VAL B 194 11.14 -0.81 -13.15
CA VAL B 194 11.94 -1.92 -12.54
C VAL B 194 13.50 -1.83 -12.68
N GLN B 195 13.94 -1.74 -13.94
CA GLN B 195 15.19 -1.15 -14.28
C GLN B 195 15.76 -0.20 -13.23
N ASN B 196 14.99 0.86 -12.95
CA ASN B 196 15.53 1.97 -12.20
C ASN B 196 15.99 1.47 -10.86
N THR B 197 15.08 0.82 -10.16
CA THR B 197 15.38 0.34 -8.84
C THR B 197 16.51 -0.72 -8.88
N LEU B 198 16.50 -1.52 -9.96
CA LEU B 198 17.47 -2.60 -10.11
C LEU B 198 18.85 -1.98 -10.14
N MET B 199 18.90 -0.84 -10.85
CA MET B 199 20.13 -0.09 -11.05
C MET B 199 20.49 0.77 -9.87
N ASN B 200 19.53 1.33 -9.15
CA ASN B 200 19.88 2.36 -8.17
C ASN B 200 19.94 1.96 -6.73
N GLN B 201 19.42 0.79 -6.41
CA GLN B 201 19.43 0.31 -5.05
C GLN B 201 19.77 -1.12 -5.25
N ASP B 202 20.64 -1.69 -4.44
CA ASP B 202 20.91 -3.09 -4.69
C ASP B 202 19.80 -4.01 -4.10
N ILE B 203 19.04 -4.67 -4.95
CA ILE B 203 17.97 -5.53 -4.42
C ILE B 203 18.35 -6.99 -4.51
N ARG B 204 18.00 -7.81 -3.52
CA ARG B 204 18.43 -9.21 -3.50
C ARG B 204 17.37 -10.13 -4.09
N PHE B 205 16.14 -9.65 -4.15
CA PHE B 205 14.96 -10.53 -4.40
C PHE B 205 13.96 -9.76 -5.24
N LEU B 206 13.45 -10.39 -6.30
CA LEU B 206 12.51 -9.69 -7.13
C LEU B 206 11.20 -10.42 -7.19
N VAL B 207 10.08 -9.71 -7.25
CA VAL B 207 8.84 -10.46 -7.51
C VAL B 207 8.22 -9.98 -8.78
N THR B 208 8.03 -10.82 -9.75
CA THR B 208 7.42 -10.30 -10.92
C THR B 208 6.74 -11.40 -11.66
N THR B 209 6.70 -11.25 -12.96
CA THR B 209 5.90 -12.11 -13.78
C THR B 209 6.56 -12.34 -15.11
N PRO B 210 6.23 -13.48 -15.71
CA PRO B 210 7.02 -13.92 -16.82
C PRO B 210 7.04 -12.90 -17.92
N PRO B 211 5.89 -12.29 -18.30
CA PRO B 211 6.01 -11.29 -19.42
C PRO B 211 6.96 -10.09 -19.20
N VAL B 212 6.97 -9.58 -18.00
CA VAL B 212 7.81 -8.49 -17.64
C VAL B 212 9.29 -8.93 -17.56
N LEU B 213 9.57 -10.05 -16.92
CA LEU B 213 10.95 -10.51 -16.84
C LEU B 213 11.52 -10.82 -18.21
N ARG B 214 10.58 -11.05 -19.12
CA ARG B 214 10.88 -11.36 -20.47
C ARG B 214 11.39 -10.08 -21.17
N GLU B 215 10.54 -9.02 -21.28
CA GLU B 215 10.94 -7.69 -21.88
C GLU B 215 12.22 -7.25 -21.09
N LEU B 216 12.38 -7.73 -19.86
CA LEU B 216 13.45 -7.32 -18.97
C LEU B 216 14.78 -7.91 -19.34
N LEU B 217 14.82 -9.15 -19.77
CA LEU B 217 16.16 -9.71 -20.07
C LEU B 217 16.63 -9.37 -21.46
N LYS B 218 15.89 -8.47 -22.12
CA LYS B 218 16.27 -7.86 -23.41
C LYS B 218 17.19 -6.66 -23.16
N ARG B 219 17.37 -6.35 -21.88
CA ARG B 219 18.30 -5.31 -21.50
C ARG B 219 19.60 -5.85 -20.86
N PRO B 220 20.61 -6.18 -21.69
CA PRO B 220 21.99 -6.53 -21.32
C PRO B 220 22.57 -5.99 -19.99
N GLU B 221 22.34 -4.72 -19.63
CA GLU B 221 22.97 -4.18 -18.40
C GLU B 221 22.10 -4.40 -17.18
N VAL B 222 20.83 -4.69 -17.40
CA VAL B 222 19.99 -5.06 -16.31
C VAL B 222 20.39 -6.49 -16.01
N VAL B 223 20.50 -7.26 -17.08
CA VAL B 223 20.94 -8.66 -16.95
C VAL B 223 22.29 -8.78 -16.19
N LEU B 224 23.27 -7.93 -16.48
CA LEU B 224 24.53 -7.96 -15.71
C LEU B 224 24.25 -7.66 -14.23
N GLN B 225 23.55 -6.56 -13.95
CA GLN B 225 23.09 -6.24 -12.57
C GLN B 225 22.34 -7.42 -11.91
N MET B 226 21.50 -8.08 -12.68
CA MET B 226 20.76 -9.21 -12.17
C MET B 226 21.61 -10.41 -11.78
N LYS B 227 22.62 -10.77 -12.60
CA LYS B 227 23.57 -11.87 -12.34
C LYS B 227 24.25 -11.45 -11.08
N GLN B 228 24.40 -10.15 -10.94
CA GLN B 228 25.10 -9.69 -9.82
C GLN B 228 24.27 -9.73 -8.54
N SER B 229 23.07 -9.17 -8.55
CA SER B 229 22.47 -8.93 -7.28
C SER B 229 21.33 -9.89 -6.86
N LEU B 230 20.59 -10.47 -7.82
CA LEU B 230 19.42 -11.27 -7.44
C LEU B 230 19.76 -12.60 -6.89
N ALA B 231 18.93 -13.12 -5.99
CA ALA B 231 19.23 -14.38 -5.32
C ALA B 231 18.03 -15.34 -5.50
N GLN B 232 16.85 -14.75 -5.67
CA GLN B 232 15.62 -15.51 -5.58
C GLN B 232 14.65 -14.72 -6.42
N ILE B 233 13.79 -15.37 -7.18
CA ILE B 233 12.86 -14.66 -8.01
C ILE B 233 11.51 -15.39 -7.91
N THR B 234 10.48 -14.65 -7.54
CA THR B 234 9.17 -15.26 -7.48
C THR B 234 8.34 -14.76 -8.62
N LEU B 235 7.80 -15.72 -9.33
CA LEU B 235 7.02 -15.51 -10.48
C LEU B 235 5.64 -15.96 -10.12
N GLY B 236 4.69 -15.06 -10.38
CA GLY B 236 3.29 -15.38 -10.25
C GLY B 236 2.53 -15.15 -11.54
N GLY B 237 1.21 -15.01 -11.42
CA GLY B 237 0.30 -15.02 -12.56
C GLY B 237 0.25 -16.47 -12.97
N THR B 238 -0.44 -16.80 -14.06
CA THR B 238 -0.51 -18.22 -14.42
C THR B 238 0.01 -18.39 -15.82
N GLU B 239 0.77 -17.40 -16.28
CA GLU B 239 1.39 -17.55 -17.59
C GLU B 239 2.67 -18.38 -17.60
N LEU B 240 2.85 -19.24 -16.57
CA LEU B 240 4.14 -19.95 -16.30
C LEU B 240 4.44 -20.83 -17.48
N ASN B 241 5.57 -20.54 -18.14
CA ASN B 241 6.16 -21.42 -19.12
C ASN B 241 7.44 -21.98 -18.52
N LEU B 242 7.44 -23.32 -18.40
CA LEU B 242 8.41 -24.10 -17.61
C LEU B 242 9.87 -24.20 -18.16
N ASP B 243 10.01 -24.56 -19.43
CA ASP B 243 11.35 -24.66 -19.98
C ASP B 243 11.89 -23.25 -20.03
N GLU B 244 10.98 -22.33 -20.36
CA GLU B 244 11.34 -20.93 -20.47
C GLU B 244 12.01 -20.44 -19.21
N ILE B 245 11.66 -21.03 -18.07
CA ILE B 245 12.26 -20.66 -16.81
C ILE B 245 13.53 -21.45 -16.63
N LYS B 246 13.41 -22.77 -16.91
CA LYS B 246 14.51 -23.68 -16.66
C LYS B 246 15.72 -23.26 -17.49
N PHE B 247 15.41 -22.93 -18.76
CA PHE B 247 16.38 -22.23 -19.61
C PHE B 247 16.91 -20.97 -18.90
N ILE B 248 16.06 -19.94 -18.69
CA ILE B 248 16.49 -18.72 -18.00
C ILE B 248 17.41 -18.97 -16.80
N ALA B 249 17.12 -20.00 -16.00
CA ALA B 249 17.83 -20.19 -14.74
C ALA B 249 19.11 -20.90 -14.96
N SER B 250 19.09 -21.88 -15.87
CA SER B 250 20.27 -22.66 -16.27
C SER B 250 21.29 -21.86 -17.07
N GLU B 251 20.78 -21.10 -18.06
CA GLU B 251 21.57 -20.40 -19.08
C GLU B 251 21.86 -18.92 -18.74
N ILE B 252 20.81 -18.08 -18.74
CA ILE B 252 20.94 -16.62 -18.58
C ILE B 252 21.42 -16.13 -17.21
N LEU B 253 20.72 -16.40 -16.15
CA LEU B 253 21.30 -16.05 -14.89
C LEU B 253 21.41 -17.25 -14.00
N PRO B 254 22.63 -17.80 -13.88
CA PRO B 254 22.70 -19.18 -13.60
C PRO B 254 22.74 -19.43 -12.12
N ASP B 255 22.80 -18.42 -11.27
CA ASP B 255 22.39 -18.79 -9.92
C ASP B 255 21.58 -17.83 -9.08
N CYS B 256 20.42 -17.53 -9.62
CA CYS B 256 19.34 -17.04 -8.86
C CYS B 256 18.38 -18.24 -8.75
N GLU B 257 17.83 -18.48 -7.57
CA GLU B 257 16.82 -19.50 -7.46
C GLU B 257 15.46 -18.96 -7.83
N PHE B 258 14.57 -19.86 -8.33
CA PHE B 258 13.31 -19.46 -9.02
C PHE B 258 12.17 -20.22 -8.47
N SER B 259 11.07 -19.54 -8.09
CA SER B 259 9.89 -20.25 -7.58
C SER B 259 8.61 -19.61 -8.05
N ALA B 260 7.53 -20.35 -7.99
CA ALA B 260 6.33 -19.73 -8.40
C ALA B 260 5.38 -19.33 -7.21
N SER B 261 4.36 -18.57 -7.52
CA SER B 261 3.45 -18.11 -6.46
C SER B 261 2.07 -18.06 -7.09
N TYR B 262 1.04 -18.39 -6.33
CA TYR B 262 -0.26 -18.42 -6.95
C TYR B 262 -1.29 -17.75 -6.05
N GLY B 263 -1.98 -16.71 -6.56
CA GLY B 263 -2.86 -15.95 -5.73
C GLY B 263 -4.22 -16.60 -5.67
N SER B 264 -4.70 -16.79 -4.45
CA SER B 264 -6.12 -17.14 -4.19
C SER B 264 -6.67 -16.02 -3.30
N THR B 265 -6.74 -14.87 -3.93
CA THR B 265 -7.01 -13.67 -3.26
C THR B 265 -8.32 -13.80 -2.42
N SER B 266 -9.35 -14.48 -2.86
CA SER B 266 -10.58 -14.58 -2.05
C SER B 266 -10.52 -15.63 -0.91
N ALA B 267 -9.36 -16.28 -0.80
CA ALA B 267 -8.95 -17.05 0.35
C ALA B 267 -7.89 -16.32 1.12
N LEU B 268 -7.80 -15.03 0.86
CA LEU B 268 -6.85 -14.16 1.52
C LEU B 268 -5.46 -14.69 1.55
N GLY B 269 -4.94 -15.24 0.48
CA GLY B 269 -3.60 -15.80 0.59
C GLY B 269 -2.98 -16.25 -0.68
N VAL B 270 -1.76 -16.74 -0.60
CA VAL B 270 -0.99 -17.15 -1.81
C VAL B 270 -0.42 -18.50 -1.51
N SER B 271 -0.57 -19.48 -2.36
CA SER B 271 0.20 -20.76 -2.27
C SER B 271 1.62 -20.65 -2.86
N ARG B 272 2.54 -21.47 -2.37
CA ARG B 272 3.91 -21.40 -2.85
C ARG B 272 4.29 -22.69 -3.49
N SER B 273 5.13 -22.59 -4.51
CA SER B 273 5.72 -23.73 -5.19
C SER B 273 6.98 -24.23 -4.50
N LEU B 274 7.34 -25.47 -4.86
CA LEU B 274 8.62 -25.99 -4.58
C LEU B 274 9.47 -25.26 -5.58
N LEU B 275 10.62 -24.81 -5.06
CA LEU B 275 11.75 -24.39 -5.85
C LEU B 275 11.89 -25.14 -7.19
N ILE B 276 11.83 -24.36 -8.29
CA ILE B 276 11.95 -24.87 -9.62
C ILE B 276 13.46 -25.05 -9.88
N THR B 277 13.93 -26.30 -9.64
CA THR B 277 15.28 -26.87 -9.93
C THR B 277 15.35 -27.18 -11.43
N SER B 278 16.49 -27.60 -11.94
CA SER B 278 16.45 -28.02 -13.34
C SER B 278 15.92 -29.47 -13.48
N GLU B 279 15.90 -30.21 -12.38
CA GLU B 279 14.99 -31.40 -12.19
C GLU B 279 13.48 -31.18 -12.53
N SER B 280 12.95 -29.99 -12.32
CA SER B 280 11.52 -29.85 -12.22
C SER B 280 10.73 -30.37 -13.45
N GLN B 281 9.77 -31.31 -13.23
CA GLN B 281 8.87 -31.74 -14.36
C GLN B 281 7.46 -31.10 -14.43
N GLN B 282 7.13 -30.25 -13.46
CA GLN B 282 5.84 -29.55 -13.27
C GLN B 282 6.06 -28.57 -12.10
N VAL B 283 5.46 -27.38 -12.15
CA VAL B 283 5.50 -26.53 -10.96
C VAL B 283 4.48 -27.06 -9.93
N ILE B 284 4.91 -27.34 -8.72
CA ILE B 284 3.98 -27.86 -7.72
C ILE B 284 3.72 -26.84 -6.61
N TYR B 285 2.47 -26.53 -6.30
CA TYR B 285 2.21 -25.61 -5.15
C TYR B 285 1.65 -26.29 -3.88
N ASP B 286 2.22 -25.93 -2.73
CA ASP B 286 1.61 -26.14 -1.39
C ASP B 286 0.81 -24.93 -0.99
N SER B 287 -0.29 -25.15 -0.31
CA SER B 287 -1.08 -24.10 0.26
C SER B 287 -0.86 -24.10 1.78
N PHE B 288 -1.58 -23.26 2.53
CA PHE B 288 -1.37 -23.10 3.96
C PHE B 288 -2.58 -23.82 4.64
N SER B 289 -2.52 -25.14 4.60
CA SER B 289 -3.50 -26.03 5.19
C SER B 289 -3.33 -26.11 6.71
N PRO B 290 -4.41 -26.26 7.50
CA PRO B 290 -5.77 -26.40 7.00
C PRO B 290 -6.45 -25.05 6.74
N PHE B 291 -5.79 -23.90 6.96
CA PHE B 291 -6.43 -22.59 6.80
C PHE B 291 -6.96 -22.34 5.42
N ILE B 292 -6.13 -22.72 4.47
CA ILE B 292 -6.43 -22.65 3.02
C ILE B 292 -6.19 -24.06 2.51
N THR B 293 -7.14 -24.57 1.78
CA THR B 293 -7.11 -25.96 1.35
C THR B 293 -7.66 -25.94 -0.03
N TYR B 294 -7.18 -26.79 -0.92
CA TYR B 294 -7.71 -26.86 -2.28
C TYR B 294 -8.40 -28.21 -2.60
N ASP B 295 -9.43 -28.13 -3.41
CA ASP B 295 -10.03 -29.31 -3.95
C ASP B 295 -10.00 -29.09 -5.45
N VAL B 296 -9.95 -30.18 -6.22
CA VAL B 296 -9.78 -30.12 -7.66
C VAL B 296 -10.76 -31.11 -8.21
N VAL B 297 -11.68 -30.57 -9.00
CA VAL B 297 -13.03 -31.05 -9.21
C VAL B 297 -13.38 -31.06 -10.75
N ASP B 298 -14.14 -32.05 -11.16
CA ASP B 298 -14.42 -32.23 -12.54
C ASP B 298 -15.43 -31.19 -12.89
N SER B 299 -15.33 -30.66 -14.10
CA SER B 299 -16.21 -29.59 -14.48
C SER B 299 -17.63 -30.01 -14.71
N ILE B 300 -17.93 -31.28 -14.98
CA ILE B 300 -19.33 -31.60 -15.07
C ILE B 300 -19.94 -32.07 -13.77
N THR B 301 -19.23 -32.81 -12.92
CA THR B 301 -19.93 -33.50 -11.81
C THR B 301 -19.56 -32.92 -10.44
N ALA B 302 -18.68 -31.94 -10.45
CA ALA B 302 -18.11 -31.37 -9.25
C ALA B 302 -17.44 -32.41 -8.38
N GLN B 303 -17.17 -33.59 -8.92
CA GLN B 303 -16.56 -34.62 -8.11
C GLN B 303 -15.06 -34.51 -8.02
N THR B 304 -14.52 -34.71 -6.82
CA THR B 304 -13.05 -34.65 -6.74
C THR B 304 -12.30 -35.61 -7.75
N VAL B 305 -11.61 -35.05 -8.77
CA VAL B 305 -10.76 -35.81 -9.74
C VAL B 305 -9.69 -36.76 -9.11
N GLU B 306 -9.24 -37.78 -9.86
CA GLU B 306 -8.17 -38.73 -9.37
C GLU B 306 -6.83 -38.03 -9.40
N TYR B 307 -5.88 -38.53 -8.62
CA TYR B 307 -4.65 -37.82 -8.62
C TYR B 307 -4.06 -37.71 -10.02
N GLY B 308 -3.46 -36.60 -10.36
CA GLY B 308 -2.92 -36.52 -11.70
C GLY B 308 -3.89 -36.10 -12.83
N GLU B 309 -5.21 -36.16 -12.65
CA GLU B 309 -6.06 -35.57 -13.69
C GLU B 309 -6.06 -34.11 -13.34
N ARG B 310 -6.30 -33.29 -14.37
CA ARG B 310 -6.47 -31.86 -14.25
C ARG B 310 -7.95 -31.63 -14.02
N GLY B 311 -8.23 -30.69 -13.12
CA GLY B 311 -9.59 -30.30 -12.80
C GLY B 311 -9.62 -28.83 -12.42
N ASN B 312 -10.86 -28.35 -12.26
CA ASN B 312 -11.22 -27.04 -11.85
C ASN B 312 -10.97 -26.93 -10.39
N VAL B 313 -10.36 -25.81 -10.01
CA VAL B 313 -9.88 -25.60 -8.67
C VAL B 313 -10.83 -24.93 -7.73
N ILE B 314 -10.97 -25.50 -6.57
CA ILE B 314 -11.78 -24.90 -5.52
C ILE B 314 -10.96 -24.55 -4.25
N VAL B 315 -10.99 -23.31 -3.79
CA VAL B 315 -10.18 -22.98 -2.63
C VAL B 315 -11.11 -22.57 -1.53
N THR B 316 -10.74 -22.95 -0.30
CA THR B 316 -11.55 -22.68 0.88
C THR B 316 -10.73 -21.98 1.97
N HIS B 317 -11.23 -20.91 2.56
CA HIS B 317 -10.44 -20.36 3.64
C HIS B 317 -11.26 -20.43 4.88
N LEU B 318 -10.63 -21.00 5.91
CA LEU B 318 -11.20 -21.18 7.27
C LEU B 318 -10.15 -20.83 8.30
N SER B 319 -10.44 -19.86 9.16
CA SER B 319 -9.47 -19.37 10.14
C SER B 319 -10.30 -18.64 11.18
N PRO B 320 -9.65 -18.19 12.29
CA PRO B 320 -10.36 -17.30 13.22
C PRO B 320 -10.64 -15.94 12.59
N TRP B 321 -9.96 -15.57 11.52
CA TRP B 321 -10.21 -14.24 10.84
C TRP B 321 -11.38 -14.08 9.76
N ALA B 322 -11.75 -15.19 9.17
CA ALA B 322 -12.62 -15.19 7.99
C ALA B 322 -13.08 -16.61 7.67
N PHE B 323 -14.10 -16.70 6.83
CA PHE B 323 -14.51 -18.02 6.48
C PHE B 323 -15.06 -17.89 5.08
N TYR B 324 -14.27 -18.32 4.08
CA TYR B 324 -14.83 -18.34 2.71
C TYR B 324 -14.90 -19.77 2.16
N PRO B 325 -16.08 -20.40 2.28
CA PRO B 325 -16.06 -21.81 1.84
C PRO B 325 -16.05 -21.91 0.34
N ARG B 326 -15.26 -22.79 -0.21
CA ARG B 326 -15.56 -23.32 -1.53
C ARG B 326 -15.61 -22.36 -2.74
N VAL B 327 -14.72 -21.37 -2.78
CA VAL B 327 -14.64 -20.47 -3.93
C VAL B 327 -14.24 -21.16 -5.24
N ALA B 328 -15.16 -21.17 -6.18
CA ALA B 328 -14.87 -21.43 -7.55
C ALA B 328 -13.77 -20.50 -7.96
N GLU B 329 -12.53 -20.92 -7.98
CA GLU B 329 -11.53 -19.99 -8.61
C GLU B 329 -11.63 -20.24 -10.04
N ARG B 330 -10.87 -19.48 -10.83
CA ARG B 330 -11.09 -19.48 -12.28
C ARG B 330 -9.88 -20.04 -12.99
N ASP B 331 -9.43 -21.20 -12.53
CA ASP B 331 -8.20 -21.86 -13.03
C ASP B 331 -8.36 -23.38 -12.92
N THR B 332 -7.68 -24.13 -13.84
CA THR B 332 -7.57 -25.61 -13.73
C THR B 332 -6.22 -25.94 -13.13
N ALA B 333 -6.07 -27.07 -12.44
CA ALA B 333 -4.73 -27.65 -12.23
C ALA B 333 -4.80 -29.15 -12.23
N ILE B 334 -3.63 -29.77 -12.39
CA ILE B 334 -3.47 -31.18 -12.14
C ILE B 334 -3.52 -31.32 -10.65
N ARG B 335 -4.32 -32.23 -10.13
CA ARG B 335 -4.38 -32.40 -8.67
C ARG B 335 -3.27 -33.31 -8.11
N LEU B 336 -2.61 -32.98 -7.00
CA LEU B 336 -1.63 -33.94 -6.35
C LEU B 336 -1.83 -34.32 -4.84
N PRO B 337 -1.23 -35.42 -4.39
CA PRO B 337 -1.45 -35.58 -2.93
C PRO B 337 -0.72 -34.45 -2.17
N GLY B 338 -1.36 -33.83 -1.17
CA GLY B 338 -0.72 -32.79 -0.35
C GLY B 338 0.05 -33.48 0.72
N VAL B 339 0.97 -32.80 1.41
CA VAL B 339 1.90 -33.54 2.27
C VAL B 339 1.17 -34.30 3.35
N SER B 340 1.09 -35.63 3.27
CA SER B 340 0.05 -36.34 4.07
C SER B 340 0.16 -35.93 5.56
N GLY B 341 -1.00 -36.04 6.21
CA GLY B 341 -1.20 -35.41 7.51
C GLY B 341 -1.98 -34.07 7.41
N PHE B 342 -1.77 -33.36 6.29
CA PHE B 342 -2.34 -32.03 6.07
C PHE B 342 -3.63 -32.14 5.22
N ALA B 343 -4.72 -31.42 5.53
CA ALA B 343 -5.93 -31.50 4.71
C ALA B 343 -5.66 -30.78 3.40
N GLY B 344 -6.14 -31.30 2.28
CA GLY B 344 -6.12 -30.47 1.06
C GLY B 344 -5.18 -30.86 -0.02
N ASP B 345 -5.52 -30.69 -1.28
CA ASP B 345 -4.59 -31.07 -2.32
C ASP B 345 -3.47 -30.08 -2.59
N ARG B 346 -2.33 -30.66 -3.01
CA ARG B 346 -1.24 -30.04 -3.75
C ARG B 346 -1.74 -29.81 -5.19
N LEU B 347 -1.22 -28.80 -5.89
CA LEU B 347 -1.62 -28.53 -7.29
C LEU B 347 -0.38 -28.47 -8.15
N ALA B 348 -0.53 -28.70 -9.44
CA ALA B 348 0.59 -28.54 -10.38
C ALA B 348 0.10 -27.99 -11.73
N ASP B 349 0.95 -27.21 -12.38
CA ASP B 349 0.71 -26.71 -13.73
C ASP B 349 -0.72 -26.13 -13.96
N ILE B 350 -0.99 -25.08 -13.19
CA ILE B 350 -2.22 -24.31 -13.22
C ILE B 350 -2.35 -23.62 -14.54
N GLU B 351 -3.52 -23.54 -15.12
CA GLU B 351 -3.68 -22.60 -16.23
C GLU B 351 -5.06 -22.03 -16.08
N PRO B 352 -5.41 -21.07 -16.92
CA PRO B 352 -6.68 -20.48 -16.71
C PRO B 352 -7.81 -21.26 -17.46
N LEU B 353 -9.01 -20.64 -17.60
CA LEU B 353 -10.26 -21.38 -17.95
C LEU B 353 -10.78 -21.57 -19.40
N LYS B 354 -11.54 -20.62 -20.01
CA LYS B 354 -12.13 -20.91 -21.39
C LYS B 354 -13.13 -22.13 -21.47
OAA PXC C . -7.49 18.20 5.81
OAB PXC C . -15.55 16.76 11.69
OAC PXC C . -8.54 16.40 6.46
OAD PXC C . -14.47 18.57 11.07
CAE PXC C . -10.05 20.77 7.97
CAF PXC C . -13.01 14.19 9.49
CAG PXC C . -9.20 19.93 7.26
CAH PXC C . -13.86 15.04 10.21
CAI PXC C . -11.12 20.24 8.71
CAJ PXC C . -11.95 14.74 8.74
NAK PXC C . -10.71 16.65 8.03
NAL PXC C . -12.35 18.31 9.43
CAM PXC C . -8.41 17.63 6.45
CAN PXC C . -14.62 17.33 11.06
CAO PXC C . -9.39 18.52 7.25
CAP PXC C . -13.68 16.44 10.22
CAQ PXC C . -11.33 18.84 8.72
CAR PXC C . -11.74 16.12 8.74
CAS PXC C . -10.47 17.98 7.99
CAT PXC C . -12.60 16.98 9.47
OAA PXC D . 7.98 -18.48 -3.04
OAB PXC D . 17.27 -19.45 0.77
OAC PXC D . 9.38 -17.05 -2.16
OAD PXC D . 15.87 -20.88 -0.12
CAE PXC D . 10.65 -21.72 -2.58
CAF PXC D . 14.62 -16.19 0.22
CAG PXC D . 9.76 -20.64 -2.74
CAH PXC D . 15.51 -17.27 0.39
CAI PXC D . 11.91 -21.51 -1.99
CAJ PXC D . 13.38 -16.39 -0.36
NAK PXC D . 11.79 -17.90 -1.33
NAL PXC D . 13.49 -20.01 -1.01
CAM PXC D . 9.09 -18.20 -2.53
CAN PXC D . 16.17 -19.72 0.23
CAO PXC D . 10.12 -19.34 -2.34
CAP PXC D . 15.16 -18.58 0.00
CAQ PXC D . 12.28 -20.22 -1.57
CAR PXC D . 13.00 -17.70 -0.77
CAS PXC D . 11.38 -19.13 -1.75
CAT PXC D . 13.89 -18.78 -0.60
#